data_3CQ5
#
_entry.id   3CQ5
#
_cell.length_a   195.273
_cell.length_b   85.531
_cell.length_c   89.431
_cell.angle_alpha   90.00
_cell.angle_beta   93.65
_cell.angle_gamma   90.00
#
_symmetry.space_group_name_H-M   'C 1 2 1'
#
loop_
_entity.id
_entity.type
_entity.pdbx_description
1 polymer 'Histidinol-phosphate aminotransferase'
2 non-polymer 'SULFATE ION'
3 non-polymer TRIS-HYDROXYMETHYL-METHYL-AMMONIUM
4 non-polymer "4'-DEOXY-4'-AMINOPYRIDOXAL-5'-PHOSPHATE"
5 water water
#
_entity_poly.entity_id   1
_entity_poly.type   'polypeptide(L)'
_entity_poly.pdbx_seq_one_letter_code
;GSHMTKITLSDLPLREELRGEHAYGAPQLNVDIRLNTNENPYPPSEALVADLVATVDKIATELNRYPERDAVELRDELAA
YITKQTGVAVTRDNLWAANGSNEILQQLLQAFGGPGRTALGFQPSYSMHPILAKGTHTEFIAVSRGADFRIDMDVALEEI
RAKQPDIVFVTTPNNPTGDVTSLDDVERIINVAPGIVIVDEAYAEFSPSPSATTLLEKYPTKLVVSRTMSKAFDFAGGRL
GYFVANPAFIDAVMLVRLPYHLSALSQAAAIVALRHSADTLGTVEKLSVERVRVAARLEELGYAVVPSESNFVFFGDFSD
QHAAWQAFLDRGVLIRDVGIAGHLRTTIGVPEENDAFLDAAAEIIKLNL
;
_entity_poly.pdbx_strand_id   A,B,C
#
# COMPACT_ATOMS: atom_id res chain seq x y z
N LYS A 6 25.61 18.63 7.72
CA LYS A 6 25.58 17.65 8.80
C LYS A 6 24.82 18.18 10.01
N ILE A 7 23.61 17.70 10.23
CA ILE A 7 22.77 18.20 11.33
C ILE A 7 22.68 17.16 12.43
N THR A 8 22.26 17.61 13.60
CA THR A 8 22.13 16.75 14.78
C THR A 8 20.77 16.96 15.40
N LEU A 9 20.47 16.16 16.43
CA LEU A 9 19.22 16.32 17.15
C LEU A 9 19.04 17.74 17.64
N SER A 10 20.13 18.41 18.05
CA SER A 10 20.03 19.79 18.50
C SER A 10 19.48 20.75 17.42
N ASP A 11 19.65 20.40 16.14
CA ASP A 11 19.12 21.23 15.03
C ASP A 11 17.62 21.07 14.74
N LEU A 12 16.99 20.05 15.30
CA LEU A 12 15.55 19.81 15.11
C LEU A 12 14.74 20.47 16.20
N PRO A 13 13.50 20.90 15.90
CA PRO A 13 12.68 21.53 16.93
C PRO A 13 12.03 20.56 17.93
N LEU A 14 12.85 19.72 18.55
CA LEU A 14 12.41 18.82 19.59
C LEU A 14 11.78 19.58 20.75
N ARG A 15 10.82 18.96 21.43
CA ARG A 15 10.27 19.52 22.65
C ARG A 15 11.41 19.72 23.66
N GLU A 16 11.36 20.84 24.39
CA GLU A 16 12.42 21.21 25.33
C GLU A 16 12.64 20.15 26.39
N GLU A 17 11.55 19.64 26.96
CA GLU A 17 11.65 18.64 28.03
C GLU A 17 12.32 17.34 27.60
N LEU A 18 12.49 17.13 26.29
CA LEU A 18 13.18 15.95 25.76
C LEU A 18 14.68 16.17 25.53
N ARG A 19 15.11 17.43 25.57
CA ARG A 19 16.53 17.76 25.47
C ARG A 19 17.27 17.12 26.63
N GLY A 20 18.42 16.52 26.32
CA GLY A 20 19.23 15.88 27.36
C GLY A 20 18.71 14.56 27.89
N GLU A 21 17.68 13.99 27.26
CA GLU A 21 17.12 12.72 27.71
C GLU A 21 17.77 11.59 26.93
N HIS A 22 17.62 10.38 27.42
CA HIS A 22 18.23 9.22 26.81
C HIS A 22 17.17 8.16 26.56
N ALA A 23 17.37 7.32 25.55
CA ALA A 23 16.40 6.29 25.18
C ALA A 23 16.44 5.16 26.20
N TYR A 24 15.27 4.68 26.59
CA TYR A 24 15.15 3.66 27.62
C TYR A 24 15.42 2.27 27.08
N GLY A 25 16.07 1.45 27.91
CA GLY A 25 16.23 0.03 27.62
C GLY A 25 17.59 -0.50 28.05
N ALA A 26 17.60 -1.73 28.55
CA ALA A 26 18.85 -2.38 28.93
C ALA A 26 19.77 -2.51 27.71
N PRO A 27 21.10 -2.49 27.93
CA PRO A 27 21.98 -2.70 26.77
C PRO A 27 21.74 -4.04 26.08
N GLN A 28 21.72 -4.05 24.74
CA GLN A 28 21.46 -5.28 24.00
C GLN A 28 22.79 -5.96 23.71
N LEU A 29 23.35 -6.61 24.73
CA LEU A 29 24.69 -7.18 24.63
C LEU A 29 24.66 -8.70 24.43
N ASN A 30 25.28 -9.15 23.35
CA ASN A 30 25.31 -10.56 22.99
C ASN A 30 26.35 -11.33 23.80
N VAL A 31 26.16 -11.42 25.11
CA VAL A 31 27.03 -12.28 25.92
C VAL A 31 26.32 -13.63 26.14
N ASP A 32 27.06 -14.59 26.68
CA ASP A 32 26.58 -15.96 26.80
C ASP A 32 25.38 -16.09 27.73
N ILE A 33 25.40 -15.36 28.83
CA ILE A 33 24.43 -15.56 29.90
C ILE A 33 23.64 -14.27 30.11
N ARG A 34 22.37 -14.31 29.74
CA ARG A 34 21.52 -13.11 29.76
C ARG A 34 20.40 -13.24 30.75
N LEU A 35 20.52 -12.48 31.83
CA LEU A 35 19.67 -12.62 33.00
C LEU A 35 19.29 -11.22 33.46
N ASN A 36 18.86 -10.40 32.51
CA ASN A 36 18.69 -8.97 32.77
C ASN A 36 17.32 -8.37 32.50
N THR A 37 16.40 -9.11 31.86
CA THR A 37 15.10 -8.52 31.51
C THR A 37 13.88 -9.31 31.97
N ASN A 38 14.12 -10.25 32.89
CA ASN A 38 13.08 -11.01 33.55
C ASN A 38 12.32 -11.90 32.59
N GLU A 39 12.95 -12.24 31.47
CA GLU A 39 12.37 -13.18 30.54
C GLU A 39 12.37 -14.56 31.15
N ASN A 40 11.36 -15.37 30.80
CA ASN A 40 11.37 -16.78 31.06
C ASN A 40 12.48 -17.38 30.19
N PRO A 41 13.41 -18.15 30.78
CA PRO A 41 14.54 -18.64 30.00
C PRO A 41 14.24 -19.84 29.11
N TYR A 42 13.06 -20.46 29.25
CA TYR A 42 12.71 -21.61 28.45
C TYR A 42 12.14 -21.20 27.10
N PRO A 43 12.61 -21.86 26.02
CA PRO A 43 12.00 -21.57 24.74
C PRO A 43 10.56 -22.05 24.67
N PRO A 44 9.76 -21.40 23.81
CA PRO A 44 8.39 -21.87 23.63
C PRO A 44 8.39 -23.34 23.24
N SER A 45 7.36 -24.05 23.69
CA SER A 45 7.29 -25.50 23.47
C SER A 45 7.16 -25.85 21.98
N GLU A 46 7.62 -27.03 21.61
CA GLU A 46 7.45 -27.50 20.24
C GLU A 46 5.99 -27.55 19.83
N ALA A 47 5.13 -27.97 20.75
CA ALA A 47 3.70 -28.05 20.47
C ALA A 47 3.14 -26.65 20.18
N LEU A 48 3.54 -25.68 21.01
CA LEU A 48 3.09 -24.29 20.82
C LEU A 48 3.57 -23.79 19.47
N VAL A 49 4.86 -23.97 19.18
CA VAL A 49 5.41 -23.53 17.90
C VAL A 49 4.67 -24.14 16.70
N ALA A 50 4.43 -25.45 16.72
CA ALA A 50 3.74 -26.10 15.60
C ALA A 50 2.35 -25.53 15.41
N ASP A 51 1.67 -25.28 16.51
CA ASP A 51 0.33 -24.68 16.50
C ASP A 51 0.40 -23.28 15.88
N LEU A 52 1.41 -22.50 16.28
CA LEU A 52 1.59 -21.17 15.72
C LEU A 52 1.83 -21.22 14.21
N VAL A 53 2.72 -22.12 13.80
CA VAL A 53 3.04 -22.25 12.39
C VAL A 53 1.78 -22.57 11.56
N ALA A 54 0.98 -23.51 12.04
CA ALA A 54 -0.23 -23.92 11.36
C ALA A 54 -1.25 -22.77 11.33
N THR A 55 -1.33 -22.05 12.44
CA THR A 55 -2.22 -20.90 12.55
C THR A 55 -1.85 -19.80 11.56
N VAL A 56 -0.57 -19.44 11.49
CA VAL A 56 -0.11 -18.42 10.53
C VAL A 56 -0.41 -18.86 9.10
N ASP A 57 -0.22 -20.16 8.82
CA ASP A 57 -0.46 -20.70 7.50
C ASP A 57 -1.93 -20.52 7.12
N LYS A 58 -2.82 -20.65 8.10
CA LYS A 58 -4.26 -20.47 7.89
C LYS A 58 -4.62 -19.01 7.69
N ILE A 59 -4.10 -18.11 8.53
CA ILE A 59 -4.56 -16.71 8.50
C ILE A 59 -3.75 -15.78 7.60
N ALA A 60 -2.60 -16.24 7.11
CA ALA A 60 -1.72 -15.38 6.33
C ALA A 60 -2.39 -14.84 5.07
N THR A 61 -3.36 -15.59 4.52
CA THR A 61 -4.01 -15.14 3.29
C THR A 61 -4.97 -13.97 3.53
N GLU A 62 -5.16 -13.59 4.79
CA GLU A 62 -5.96 -12.42 5.12
C GLU A 62 -5.13 -11.22 5.61
N LEU A 63 -3.81 -11.30 5.49
CA LEU A 63 -2.93 -10.24 6.01
C LEU A 63 -3.04 -8.92 5.23
N ASN A 64 -3.68 -8.95 4.07
CA ASN A 64 -4.00 -7.72 3.35
C ASN A 64 -5.08 -6.88 4.03
N ARG A 65 -5.84 -7.51 4.93
CA ARG A 65 -6.94 -6.85 5.62
C ARG A 65 -6.52 -6.37 6.98
N TYR A 66 -7.09 -5.24 7.41
CA TYR A 66 -6.90 -4.81 8.77
C TYR A 66 -7.32 -5.94 9.72
N PRO A 67 -6.66 -6.02 10.88
CA PRO A 67 -7.03 -7.03 11.87
C PRO A 67 -8.35 -6.71 12.52
N GLU A 68 -8.88 -7.64 13.30
CA GLU A 68 -10.08 -7.35 14.04
C GLU A 68 -9.75 -6.27 15.07
N ARG A 69 -10.48 -5.15 14.99
CA ARG A 69 -10.07 -3.95 15.70
C ARG A 69 -10.15 -4.12 17.21
N ASP A 70 -11.16 -4.82 17.67
CA ASP A 70 -11.42 -4.95 19.09
C ASP A 70 -10.84 -6.20 19.74
N ALA A 71 -10.14 -7.02 18.97
CA ALA A 71 -9.47 -8.21 19.51
C ALA A 71 -10.39 -9.10 20.35
N VAL A 72 -11.62 -9.31 19.89
CA VAL A 72 -12.63 -9.99 20.70
C VAL A 72 -12.22 -11.42 21.07
N GLU A 73 -11.69 -12.17 20.09
CA GLU A 73 -11.37 -13.57 20.34
C GLU A 73 -10.25 -13.66 21.37
N LEU A 74 -9.23 -12.83 21.20
CA LEU A 74 -8.12 -12.75 22.15
C LEU A 74 -8.62 -12.44 23.55
N ARG A 75 -9.50 -11.45 23.64
CA ARG A 75 -10.05 -11.06 24.92
C ARG A 75 -10.87 -12.20 25.55
N ASP A 76 -11.55 -13.02 24.74
CA ASP A 76 -12.30 -14.16 25.25
C ASP A 76 -11.33 -15.14 25.94
N GLU A 77 -10.24 -15.42 25.24
CA GLU A 77 -9.24 -16.38 25.72
C GLU A 77 -8.43 -15.84 26.90
N LEU A 78 -8.14 -14.54 26.91
CA LEU A 78 -7.54 -13.93 28.08
C LEU A 78 -8.49 -14.04 29.29
N ALA A 79 -9.78 -13.82 29.06
CA ALA A 79 -10.77 -13.89 30.16
C ALA A 79 -10.89 -15.31 30.70
N ALA A 80 -10.80 -16.28 29.80
CA ALA A 80 -10.84 -17.68 30.19
C ALA A 80 -9.61 -18.04 31.04
N TYR A 81 -8.44 -17.54 30.66
CA TYR A 81 -7.22 -17.72 31.45
C TYR A 81 -7.38 -17.11 32.83
N ILE A 82 -7.80 -15.86 32.88
CA ILE A 82 -7.89 -15.18 34.16
C ILE A 82 -8.93 -15.86 35.06
N THR A 83 -10.04 -16.30 34.47
CA THR A 83 -11.07 -17.01 35.25
C THR A 83 -10.48 -18.27 35.90
N LYS A 84 -9.72 -19.04 35.13
CA LYS A 84 -9.11 -20.27 35.63
C LYS A 84 -7.97 -20.00 36.60
N GLN A 85 -7.11 -19.04 36.25
CA GLN A 85 -5.90 -18.75 37.02
C GLN A 85 -6.20 -18.11 38.38
N THR A 86 -7.13 -17.17 38.41
CA THR A 86 -7.42 -16.40 39.63
C THR A 86 -8.70 -16.80 40.33
N GLY A 87 -9.57 -17.56 39.66
CA GLY A 87 -10.86 -17.97 40.21
C GLY A 87 -11.95 -16.90 40.19
N VAL A 88 -11.67 -15.76 39.57
CA VAL A 88 -12.63 -14.68 39.43
C VAL A 88 -13.26 -14.76 38.05
N ALA A 89 -14.58 -14.99 38.00
CA ALA A 89 -15.29 -15.08 36.73
C ALA A 89 -15.24 -13.74 36.00
N VAL A 90 -14.62 -13.74 34.82
CA VAL A 90 -14.60 -12.57 33.95
C VAL A 90 -14.83 -13.01 32.51
N THR A 91 -15.16 -12.05 31.66
CA THR A 91 -15.42 -12.26 30.25
C THR A 91 -14.61 -11.25 29.44
N ARG A 92 -14.72 -11.31 28.12
CA ARG A 92 -14.07 -10.35 27.27
C ARG A 92 -14.41 -8.91 27.63
N ASP A 93 -15.61 -8.68 28.20
CA ASP A 93 -16.00 -7.34 28.57
C ASP A 93 -15.06 -6.74 29.63
N ASN A 94 -14.42 -7.59 30.44
CA ASN A 94 -13.51 -7.14 31.50
C ASN A 94 -12.03 -7.07 31.05
N LEU A 95 -11.75 -7.47 29.82
CA LEU A 95 -10.36 -7.63 29.37
C LEU A 95 -10.02 -6.69 28.24
N TRP A 96 -8.77 -6.22 28.25
CA TRP A 96 -8.31 -5.37 27.19
C TRP A 96 -6.84 -5.69 26.94
N ALA A 97 -6.46 -5.78 25.67
CA ALA A 97 -5.10 -6.14 25.25
C ALA A 97 -4.43 -5.07 24.42
N ALA A 98 -3.10 -4.99 24.54
CA ALA A 98 -2.31 -4.05 23.76
C ALA A 98 -0.89 -4.62 23.55
N ASN A 99 -0.06 -3.85 22.87
CA ASN A 99 1.32 -4.26 22.56
C ASN A 99 2.22 -4.12 23.77
N GLY A 100 2.20 -5.13 24.62
CA GLY A 100 2.92 -5.09 25.89
C GLY A 100 2.17 -4.31 26.96
N SER A 101 2.49 -4.61 28.22
CA SER A 101 2.10 -3.75 29.35
C SER A 101 2.43 -2.31 29.14
N ASN A 102 3.54 -2.05 28.46
CA ASN A 102 3.93 -0.67 28.20
C ASN A 102 2.82 0.09 27.47
N GLU A 103 2.21 -0.53 26.46
CA GLU A 103 1.11 0.15 25.76
C GLU A 103 -0.16 0.21 26.61
N ILE A 104 -0.45 -0.85 27.37
CA ILE A 104 -1.57 -0.86 28.29
C ILE A 104 -1.48 0.33 29.25
N LEU A 105 -0.29 0.48 29.83
CA LEU A 105 -0.05 1.56 30.82
C LEU A 105 -0.09 2.93 30.17
N GLN A 106 0.47 3.04 28.97
CA GLN A 106 0.39 4.29 28.19
C GLN A 106 -1.07 4.71 27.99
N GLN A 107 -1.90 3.76 27.55
CA GLN A 107 -3.31 4.03 27.29
C GLN A 107 -4.06 4.44 28.55
N LEU A 108 -3.78 3.78 29.65
CA LEU A 108 -4.43 4.08 30.92
C LEU A 108 -4.02 5.47 31.39
N LEU A 109 -2.73 5.80 31.24
CA LEU A 109 -2.24 7.15 31.58
C LEU A 109 -2.86 8.23 30.71
N GLN A 110 -3.06 7.94 29.43
CA GLN A 110 -3.73 8.88 28.53
C GLN A 110 -5.17 9.15 28.93
N ALA A 111 -5.88 8.10 29.32
CA ALA A 111 -7.31 8.22 29.66
C ALA A 111 -7.53 8.80 31.07
N PHE A 112 -6.63 8.50 31.99
CA PHE A 112 -6.81 8.81 33.41
C PHE A 112 -5.75 9.71 34.07
N GLY A 113 -4.64 9.93 33.37
CA GLY A 113 -3.56 10.82 33.81
C GLY A 113 -3.53 12.02 32.89
N GLY A 114 -2.35 12.38 32.42
CA GLY A 114 -2.20 13.47 31.46
C GLY A 114 -2.05 14.83 32.12
N PRO A 115 -1.96 15.89 31.29
CA PRO A 115 -1.77 17.27 31.76
C PRO A 115 -2.67 17.64 32.91
N GLY A 116 -2.08 18.21 33.96
CA GLY A 116 -2.84 18.64 35.14
C GLY A 116 -3.10 17.52 36.13
N ARG A 117 -2.67 16.30 35.81
CA ARG A 117 -2.90 15.16 36.69
C ARG A 117 -1.60 14.53 37.15
N THR A 118 -1.71 13.67 38.15
CA THR A 118 -0.57 13.09 38.83
C THR A 118 -0.71 11.57 38.98
N ALA A 119 0.42 10.89 38.93
CA ALA A 119 0.48 9.47 39.24
C ALA A 119 1.48 9.28 40.38
N LEU A 120 1.13 8.44 41.36
CA LEU A 120 1.99 8.19 42.50
C LEU A 120 2.49 6.73 42.51
N GLY A 121 3.78 6.56 42.77
CA GLY A 121 4.38 5.23 42.86
C GLY A 121 5.27 5.13 44.07
N PHE A 122 5.64 3.89 44.41
CA PHE A 122 6.39 3.59 45.61
C PHE A 122 7.77 3.09 45.19
N GLN A 123 8.75 4.00 45.25
CA GLN A 123 10.07 3.74 44.74
C GLN A 123 10.98 3.07 45.78
N PRO A 124 11.83 2.15 45.33
CA PRO A 124 12.04 1.79 43.92
C PRO A 124 11.00 0.79 43.36
N SER A 125 10.51 1.08 42.16
CA SER A 125 9.62 0.16 41.45
C SER A 125 9.93 0.23 39.95
N TYR A 126 9.01 -0.27 39.11
CA TYR A 126 9.31 -0.42 37.70
C TYR A 126 9.65 0.92 37.07
N SER A 127 10.81 1.01 36.43
CA SER A 127 11.28 2.30 35.92
C SER A 127 10.42 2.85 34.80
N MET A 128 9.65 2.01 34.10
CA MET A 128 8.79 2.56 33.07
C MET A 128 7.60 3.32 33.63
N HIS A 129 7.22 3.10 34.90
CA HIS A 129 6.06 3.81 35.42
C HIS A 129 6.26 5.35 35.35
N PRO A 130 7.35 5.86 35.96
CA PRO A 130 7.57 7.32 35.88
C PRO A 130 7.89 7.82 34.46
N ILE A 131 8.51 6.97 33.64
CA ILE A 131 8.85 7.30 32.26
C ILE A 131 7.59 7.46 31.43
N LEU A 132 6.67 6.51 31.57
CA LEU A 132 5.38 6.58 30.91
C LEU A 132 4.53 7.74 31.42
N ALA A 133 4.61 8.02 32.72
CA ALA A 133 3.92 9.19 33.28
C ALA A 133 4.41 10.46 32.56
N LYS A 134 5.73 10.64 32.55
CA LYS A 134 6.32 11.80 31.87
C LYS A 134 5.91 11.85 30.39
N GLY A 135 6.03 10.70 29.72
CA GLY A 135 5.71 10.60 28.30
C GLY A 135 4.28 10.97 27.94
N THR A 136 3.38 10.81 28.90
CA THR A 136 1.98 11.20 28.75
C THR A 136 1.68 12.54 29.44
N HIS A 137 2.73 13.21 29.92
CA HIS A 137 2.62 14.51 30.61
C HIS A 137 1.84 14.40 31.92
N THR A 138 2.01 13.27 32.58
CA THR A 138 1.47 13.02 33.89
C THR A 138 2.62 13.24 34.87
N GLU A 139 2.39 14.08 35.88
CA GLU A 139 3.41 14.34 36.90
C GLU A 139 3.55 13.08 37.73
N PHE A 140 4.78 12.66 38.00
CA PHE A 140 5.02 11.49 38.83
C PHE A 140 5.38 11.90 40.27
N ILE A 141 4.67 11.33 41.24
CA ILE A 141 5.01 11.52 42.66
C ILE A 141 5.64 10.26 43.20
N ALA A 142 6.90 10.39 43.65
CA ALA A 142 7.66 9.26 44.19
C ALA A 142 7.54 9.21 45.71
N VAL A 143 7.03 8.11 46.24
CA VAL A 143 6.97 7.87 47.68
C VAL A 143 7.97 6.75 47.96
N SER A 144 8.83 6.95 48.95
CA SER A 144 9.86 5.95 49.24
C SER A 144 9.29 4.71 49.92
N ARG A 145 9.70 3.54 49.45
CA ARG A 145 9.52 2.31 50.20
C ARG A 145 10.43 2.34 51.46
N GLY A 146 10.19 1.43 52.38
CA GLY A 146 10.96 1.40 53.64
C GLY A 146 12.34 0.82 53.47
N ALA A 147 13.12 0.79 54.55
CA ALA A 147 14.48 0.26 54.50
C ALA A 147 14.53 -1.21 54.10
N ASP A 148 13.45 -1.95 54.34
CA ASP A 148 13.36 -3.33 53.90
C ASP A 148 12.89 -3.45 52.43
N PHE A 149 12.75 -2.32 51.76
CA PHE A 149 12.32 -2.25 50.34
C PHE A 149 10.85 -2.61 50.10
N ARG A 150 10.10 -2.82 51.17
CA ARG A 150 8.65 -3.00 51.10
C ARG A 150 7.94 -1.66 51.23
N ILE A 151 6.67 -1.61 50.83
CA ILE A 151 5.92 -0.38 50.97
C ILE A 151 5.76 -0.08 52.47
N ASP A 152 6.11 1.13 52.85
CA ASP A 152 5.85 1.60 54.22
C ASP A 152 4.44 2.15 54.20
N MET A 153 3.50 1.41 54.77
CA MET A 153 2.09 1.72 54.61
C MET A 153 1.70 3.03 55.27
N ASP A 154 2.29 3.32 56.42
CA ASP A 154 1.98 4.60 57.08
C ASP A 154 2.32 5.78 56.17
N VAL A 155 3.50 5.75 55.57
CA VAL A 155 3.92 6.84 54.67
C VAL A 155 3.06 6.81 53.41
N ALA A 156 2.82 5.61 52.87
CA ALA A 156 2.01 5.47 51.66
C ALA A 156 0.65 6.13 51.82
N LEU A 157 -0.05 5.76 52.89
CA LEU A 157 -1.42 6.21 53.10
C LEU A 157 -1.45 7.71 53.39
N GLU A 158 -0.50 8.19 54.18
CA GLU A 158 -0.37 9.62 54.46
C GLU A 158 -0.16 10.43 53.19
N GLU A 159 0.71 9.96 52.31
CA GLU A 159 1.06 10.70 51.10
C GLU A 159 -0.08 10.67 50.08
N ILE A 160 -0.77 9.54 49.97
CA ILE A 160 -1.96 9.46 49.11
C ILE A 160 -3.03 10.43 49.61
N ARG A 161 -3.25 10.43 50.92
CA ARG A 161 -4.21 11.33 51.54
C ARG A 161 -3.87 12.79 51.29
N ALA A 162 -2.58 13.12 51.39
CA ALA A 162 -2.13 14.49 51.24
C ALA A 162 -2.10 14.97 49.78
N LYS A 163 -1.72 14.09 48.87
CA LYS A 163 -1.52 14.46 47.46
C LYS A 163 -2.76 14.22 46.57
N GLN A 164 -3.67 13.35 47.02
CA GLN A 164 -4.84 12.99 46.23
C GLN A 164 -4.46 12.70 44.77
N PRO A 165 -3.57 11.72 44.56
CA PRO A 165 -3.11 11.46 43.19
C PRO A 165 -4.22 10.88 42.31
N ASP A 166 -4.18 11.19 41.03
CA ASP A 166 -5.19 10.72 40.08
C ASP A 166 -5.03 9.23 39.79
N ILE A 167 -3.77 8.79 39.78
CA ILE A 167 -3.43 7.37 39.63
C ILE A 167 -2.45 6.96 40.72
N VAL A 168 -2.63 5.79 41.32
CA VAL A 168 -1.62 5.16 42.18
C VAL A 168 -1.16 3.84 41.54
N PHE A 169 0.15 3.68 41.38
CA PHE A 169 0.72 2.40 40.92
C PHE A 169 1.13 1.58 42.14
N VAL A 170 0.70 0.32 42.16
CA VAL A 170 1.22 -0.70 43.09
C VAL A 170 1.68 -1.90 42.28
N THR A 171 2.99 -2.17 42.33
CA THR A 171 3.55 -3.28 41.60
C THR A 171 3.76 -4.42 42.56
N THR A 172 3.08 -5.55 42.31
CA THR A 172 3.15 -6.69 43.22
C THR A 172 3.01 -8.01 42.48
N PRO A 173 4.01 -8.90 42.58
CA PRO A 173 5.36 -8.71 43.17
C PRO A 173 6.08 -7.50 42.58
N ASN A 174 6.87 -6.80 43.40
CA ASN A 174 7.54 -5.60 42.94
C ASN A 174 8.77 -5.89 42.08
N ASN A 175 8.94 -5.09 41.04
CA ASN A 175 10.18 -4.99 40.29
C ASN A 175 10.82 -3.67 40.70
N PRO A 176 12.05 -3.69 41.24
CA PRO A 176 13.07 -4.74 41.30
C PRO A 176 13.21 -5.58 42.57
N THR A 177 12.43 -5.29 43.61
CA THR A 177 12.71 -5.83 44.94
C THR A 177 12.17 -7.23 45.20
N GLY A 178 11.06 -7.57 44.55
CA GLY A 178 10.51 -8.92 44.56
C GLY A 178 9.39 -9.20 45.56
N ASP A 179 9.07 -8.22 46.40
CA ASP A 179 8.11 -8.40 47.47
C ASP A 179 6.66 -8.20 47.01
N VAL A 180 5.78 -8.95 47.66
CA VAL A 180 4.35 -8.88 47.42
C VAL A 180 3.76 -7.92 48.44
N THR A 181 2.93 -7.01 47.97
CA THR A 181 2.11 -6.19 48.84
C THR A 181 0.78 -6.95 49.04
N SER A 182 0.42 -7.26 50.28
CA SER A 182 -0.72 -8.13 50.54
C SER A 182 -1.98 -7.48 50.00
N LEU A 183 -3.00 -8.27 49.71
CA LEU A 183 -4.25 -7.69 49.24
C LEU A 183 -4.90 -6.77 50.29
N ASP A 184 -4.74 -7.09 51.57
CA ASP A 184 -5.22 -6.18 52.64
C ASP A 184 -4.58 -4.82 52.53
N ASP A 185 -3.29 -4.79 52.25
CA ASP A 185 -2.60 -3.53 52.08
C ASP A 185 -3.03 -2.83 50.80
N VAL A 186 -3.22 -3.60 49.74
CA VAL A 186 -3.74 -3.03 48.48
C VAL A 186 -5.11 -2.40 48.73
N GLU A 187 -5.96 -3.06 49.50
CA GLU A 187 -7.28 -2.50 49.85
C GLU A 187 -7.19 -1.18 50.61
N ARG A 188 -6.22 -1.09 51.52
CA ARG A 188 -6.02 0.14 52.29
C ARG A 188 -5.63 1.30 51.37
N ILE A 189 -4.79 0.99 50.39
CA ILE A 189 -4.37 1.94 49.39
C ILE A 189 -5.55 2.36 48.49
N ILE A 190 -6.34 1.39 48.03
CA ILE A 190 -7.44 1.70 47.11
C ILE A 190 -8.45 2.60 47.83
N ASN A 191 -8.68 2.32 49.09
CA ASN A 191 -9.66 3.09 49.85
C ASN A 191 -9.32 4.56 49.99
N VAL A 192 -8.04 4.90 50.18
CA VAL A 192 -7.62 6.31 50.26
C VAL A 192 -7.40 6.95 48.88
N ALA A 193 -7.09 6.13 47.87
CA ALA A 193 -6.88 6.64 46.52
C ALA A 193 -8.19 7.22 45.98
N PRO A 194 -8.17 8.48 45.52
CA PRO A 194 -9.39 9.13 45.02
C PRO A 194 -9.73 8.82 43.56
N GLY A 195 -8.73 8.42 42.76
CA GLY A 195 -8.94 8.24 41.32
C GLY A 195 -8.97 6.78 40.90
N ILE A 196 -7.89 6.31 40.27
CA ILE A 196 -7.73 4.90 40.00
C ILE A 196 -6.45 4.36 40.63
N VAL A 197 -6.44 3.06 40.84
CA VAL A 197 -5.25 2.34 41.26
C VAL A 197 -4.97 1.29 40.19
N ILE A 198 -3.77 1.35 39.65
CA ILE A 198 -3.26 0.32 38.75
C ILE A 198 -2.37 -0.62 39.55
N VAL A 199 -2.85 -1.84 39.76
CA VAL A 199 -2.01 -2.89 40.36
C VAL A 199 -1.32 -3.64 39.23
N ASP A 200 -0.01 -3.48 39.14
CA ASP A 200 0.80 -4.06 38.08
C ASP A 200 1.24 -5.45 38.55
N GLU A 201 0.53 -6.43 38.02
CA GLU A 201 0.75 -7.84 38.33
C GLU A 201 1.54 -8.56 37.25
N ALA A 202 2.50 -7.87 36.65
CA ALA A 202 3.42 -8.47 35.66
C ALA A 202 4.01 -9.82 36.13
N TYR A 203 4.29 -9.95 37.43
CA TYR A 203 4.92 -11.17 37.98
C TYR A 203 4.00 -12.04 38.83
N ALA A 204 2.67 -11.82 38.72
CA ALA A 204 1.70 -12.49 39.58
C ALA A 204 1.77 -14.02 39.53
N GLU A 205 2.02 -14.59 38.36
CA GLU A 205 2.08 -16.06 38.19
C GLU A 205 3.17 -16.69 39.06
N PHE A 206 4.16 -15.91 39.47
CA PHE A 206 5.24 -16.44 40.32
C PHE A 206 4.90 -16.47 41.80
N SER A 207 3.77 -15.89 42.17
CA SER A 207 3.36 -15.85 43.58
C SER A 207 2.09 -16.67 43.75
N PRO A 208 2.09 -17.61 44.71
CA PRO A 208 0.85 -18.37 44.96
C PRO A 208 -0.27 -17.59 45.65
N SER A 209 0.00 -16.38 46.13
CA SER A 209 -1.02 -15.59 46.80
C SER A 209 -2.02 -15.02 45.78
N PRO A 210 -3.25 -14.71 46.23
CA PRO A 210 -4.32 -14.33 45.29
C PRO A 210 -4.10 -13.04 44.50
N SER A 211 -4.62 -13.01 43.28
CA SER A 211 -4.56 -11.85 42.42
C SER A 211 -5.46 -10.75 42.93
N ALA A 212 -5.07 -9.50 42.68
CA ALA A 212 -5.95 -8.35 42.88
C ALA A 212 -7.23 -8.39 42.02
N THR A 213 -7.33 -9.32 41.08
CA THR A 213 -8.60 -9.54 40.38
C THR A 213 -9.72 -9.88 41.38
N THR A 214 -9.34 -10.43 42.53
CA THR A 214 -10.33 -10.80 43.56
C THR A 214 -10.95 -9.56 44.23
N LEU A 215 -10.37 -8.39 44.00
CA LEU A 215 -10.87 -7.13 44.59
C LEU A 215 -11.71 -6.32 43.61
N LEU A 216 -11.81 -6.77 42.36
CA LEU A 216 -12.43 -5.96 41.31
C LEU A 216 -13.92 -5.72 41.56
N GLU A 217 -14.61 -6.75 42.04
CA GLU A 217 -16.03 -6.65 42.37
C GLU A 217 -16.31 -5.59 43.42
N LYS A 218 -15.39 -5.43 44.36
CA LYS A 218 -15.51 -4.48 45.48
C LYS A 218 -15.14 -3.04 45.11
N TYR A 219 -14.23 -2.85 44.15
CA TYR A 219 -13.74 -1.52 43.81
C TYR A 219 -13.81 -1.22 42.30
N PRO A 220 -15.01 -1.34 41.70
CA PRO A 220 -15.10 -1.24 40.23
C PRO A 220 -14.75 0.11 39.63
N THR A 221 -14.93 1.20 40.39
CA THR A 221 -14.63 2.52 39.85
C THR A 221 -13.16 2.91 39.98
N LYS A 222 -12.37 2.11 40.69
CA LYS A 222 -10.99 2.45 41.03
C LYS A 222 -9.94 1.51 40.45
N LEU A 223 -10.22 0.22 40.51
CA LEU A 223 -9.15 -0.80 40.36
C LEU A 223 -9.01 -1.35 38.93
N VAL A 224 -7.77 -1.28 38.43
CA VAL A 224 -7.39 -1.91 37.17
C VAL A 224 -6.18 -2.80 37.47
N VAL A 225 -6.24 -4.06 37.03
CA VAL A 225 -5.16 -5.02 37.28
C VAL A 225 -4.44 -5.27 35.94
N SER A 226 -3.15 -4.91 35.89
CA SER A 226 -2.33 -5.01 34.69
C SER A 226 -1.54 -6.31 34.72
N ARG A 227 -1.46 -6.97 33.56
CA ARG A 227 -0.84 -8.29 33.44
C ARG A 227 -0.06 -8.33 32.11
N THR A 228 0.80 -9.31 31.96
CA THR A 228 1.56 -9.44 30.73
C THR A 228 1.80 -10.89 30.38
N MET A 229 2.08 -11.13 29.11
CA MET A 229 2.51 -12.45 28.67
C MET A 229 4.05 -12.54 28.52
N SER A 230 4.75 -11.51 28.95
CA SER A 230 6.20 -11.40 28.74
C SER A 230 7.08 -12.18 29.70
N LYS A 231 6.54 -12.52 30.87
CA LYS A 231 7.37 -13.03 31.95
C LYS A 231 7.11 -14.52 32.15
N ALA A 232 6.33 -14.89 33.15
CA ALA A 232 5.99 -16.32 33.34
C ALA A 232 5.42 -16.94 32.05
N PHE A 233 4.59 -16.18 31.34
CA PHE A 233 3.94 -16.65 30.12
C PHE A 233 4.90 -16.83 28.92
N ASP A 234 6.17 -16.49 29.06
CA ASP A 234 7.21 -17.01 28.17
C ASP A 234 7.01 -16.49 26.75
N PHE A 235 6.56 -15.24 26.63
CA PHE A 235 6.12 -14.72 25.34
C PHE A 235 6.42 -13.22 25.16
N ALA A 236 7.55 -12.76 25.69
CA ALA A 236 7.92 -11.36 25.59
C ALA A 236 8.06 -10.89 24.15
N GLY A 237 8.49 -11.77 23.27
CA GLY A 237 8.63 -11.44 21.87
C GLY A 237 7.31 -11.15 21.16
N GLY A 238 6.21 -11.66 21.72
CA GLY A 238 4.86 -11.47 21.21
C GLY A 238 4.24 -10.14 21.60
N ARG A 239 4.87 -9.42 22.53
CA ARG A 239 4.42 -8.10 22.99
C ARG A 239 2.92 -8.07 23.23
N LEU A 240 2.49 -8.71 24.31
CA LEU A 240 1.08 -8.79 24.63
C LEU A 240 0.89 -8.51 26.11
N GLY A 241 0.37 -7.32 26.40
CA GLY A 241 -0.02 -6.94 27.73
C GLY A 241 -1.52 -6.83 27.77
N TYR A 242 -2.08 -6.90 28.96
CA TYR A 242 -3.51 -6.78 29.10
C TYR A 242 -3.89 -6.29 30.47
N PHE A 243 -5.13 -5.81 30.60
CA PHE A 243 -5.69 -5.54 31.91
C PHE A 243 -7.03 -6.19 32.10
N VAL A 244 -7.40 -6.36 33.36
CA VAL A 244 -8.67 -6.90 33.81
C VAL A 244 -9.32 -5.81 34.68
N ALA A 245 -10.55 -5.42 34.36
CA ALA A 245 -11.20 -4.35 35.11
C ALA A 245 -12.70 -4.38 34.85
N ASN A 246 -13.42 -3.48 35.49
CA ASN A 246 -14.84 -3.31 35.17
C ASN A 246 -14.96 -2.92 33.70
N PRO A 247 -16.03 -3.37 33.00
CA PRO A 247 -16.11 -3.08 31.57
C PRO A 247 -16.09 -1.59 31.21
N ALA A 248 -16.43 -0.72 32.16
CA ALA A 248 -16.32 0.71 31.94
C ALA A 248 -14.91 1.11 31.52
N PHE A 249 -13.89 0.43 32.05
CA PHE A 249 -12.51 0.75 31.70
C PHE A 249 -12.16 0.43 30.24
N ILE A 250 -12.85 -0.54 29.65
CA ILE A 250 -12.64 -0.85 28.25
C ILE A 250 -13.18 0.32 27.43
N ASP A 251 -14.37 0.81 27.79
CA ASP A 251 -14.93 1.97 27.09
C ASP A 251 -13.96 3.14 27.13
N ALA A 252 -13.32 3.34 28.29
CA ALA A 252 -12.38 4.43 28.47
C ALA A 252 -11.20 4.34 27.50
N VAL A 253 -10.51 3.22 27.50
CA VAL A 253 -9.30 3.08 26.70
C VAL A 253 -9.58 3.02 25.20
N MET A 254 -10.80 2.60 24.83
CA MET A 254 -11.20 2.63 23.42
C MET A 254 -11.19 4.06 22.83
N LEU A 255 -11.28 5.06 23.70
CA LEU A 255 -11.20 6.47 23.30
C LEU A 255 -9.78 6.98 23.02
N VAL A 256 -8.78 6.28 23.53
CA VAL A 256 -7.39 6.71 23.38
C VAL A 256 -6.52 5.72 22.59
N ARG A 257 -6.92 4.46 22.53
CA ARG A 257 -6.15 3.47 21.78
C ARG A 257 -6.06 3.86 20.31
N LEU A 258 -4.91 3.56 19.70
CA LEU A 258 -4.77 3.72 18.26
C LEU A 258 -5.62 2.66 17.57
N PRO A 259 -6.40 3.05 16.54
CA PRO A 259 -7.26 2.07 15.91
C PRO A 259 -6.40 0.97 15.27
N TYR A 260 -6.78 -0.27 15.49
CA TYR A 260 -6.09 -1.46 14.99
C TYR A 260 -4.67 -1.55 15.57
N HIS A 261 -4.53 -1.18 16.83
CA HIS A 261 -3.22 -1.15 17.48
C HIS A 261 -2.56 -2.55 17.58
N LEU A 262 -3.38 -3.59 17.55
CA LEU A 262 -2.91 -4.96 17.72
C LEU A 262 -3.01 -5.73 16.38
N SER A 263 -1.87 -6.15 15.85
CA SER A 263 -1.83 -6.82 14.55
C SER A 263 -2.55 -8.16 14.56
N ALA A 264 -2.85 -8.65 13.36
CA ALA A 264 -3.48 -9.94 13.17
C ALA A 264 -2.58 -11.04 13.75
N LEU A 265 -1.28 -10.97 13.47
CA LEU A 265 -0.37 -12.01 13.95
C LEU A 265 -0.20 -11.91 15.46
N SER A 266 -0.19 -10.69 16.02
CA SER A 266 -0.08 -10.52 17.48
C SER A 266 -1.25 -11.17 18.18
N GLN A 267 -2.45 -10.92 17.65
CA GLN A 267 -3.64 -11.54 18.21
C GLN A 267 -3.61 -13.08 18.06
N ALA A 268 -3.27 -13.56 16.87
CA ALA A 268 -3.37 -14.98 16.59
C ALA A 268 -2.30 -15.75 17.41
N ALA A 269 -1.12 -15.14 17.53
CA ALA A 269 -0.02 -15.76 18.28
C ALA A 269 -0.33 -15.89 19.76
N ALA A 270 -0.91 -14.83 20.32
CA ALA A 270 -1.29 -14.84 21.73
C ALA A 270 -2.39 -15.86 22.02
N ILE A 271 -3.34 -15.97 21.10
CA ILE A 271 -4.39 -16.99 21.21
C ILE A 271 -3.76 -18.38 21.24
N VAL A 272 -2.82 -18.62 20.33
CA VAL A 272 -2.09 -19.88 20.36
C VAL A 272 -1.41 -20.08 21.72
N ALA A 273 -0.65 -19.09 22.17
CA ALA A 273 0.07 -19.23 23.44
C ALA A 273 -0.91 -19.53 24.58
N LEU A 274 -2.07 -18.88 24.56
CA LEU A 274 -3.05 -19.08 25.60
C LEU A 274 -3.58 -20.52 25.67
N ARG A 275 -3.78 -21.17 24.52
CA ARG A 275 -4.26 -22.55 24.57
C ARG A 275 -3.19 -23.57 24.96
N HIS A 276 -1.95 -23.11 25.17
CA HIS A 276 -0.86 -23.95 25.68
C HIS A 276 -0.39 -23.50 27.07
N SER A 277 -1.23 -22.73 27.76
CA SER A 277 -0.86 -22.11 29.02
C SER A 277 -0.48 -23.11 30.09
N ALA A 278 -1.23 -24.20 30.24
CA ALA A 278 -0.92 -25.14 31.34
C ALA A 278 0.50 -25.72 31.22
N ASP A 279 0.85 -26.16 30.01
CA ASP A 279 2.18 -26.68 29.78
C ASP A 279 3.25 -25.60 29.96
N THR A 280 3.08 -24.46 29.30
CA THR A 280 4.05 -23.37 29.42
C THR A 280 4.27 -22.94 30.85
N LEU A 281 3.20 -22.75 31.60
CA LEU A 281 3.32 -22.17 32.94
C LEU A 281 3.87 -23.16 33.96
N GLY A 282 3.98 -24.42 33.56
CA GLY A 282 4.68 -25.42 34.35
C GLY A 282 6.10 -24.99 34.68
N THR A 283 6.68 -24.17 33.79
CA THR A 283 8.01 -23.62 34.02
C THR A 283 8.14 -22.76 35.28
N VAL A 284 7.03 -22.22 35.79
CA VAL A 284 7.08 -21.43 37.02
C VAL A 284 7.61 -22.26 38.22
N GLU A 285 7.31 -23.56 38.23
CA GLU A 285 7.69 -24.47 39.31
C GLU A 285 9.23 -24.60 39.31
N LYS A 286 9.78 -24.91 38.14
CA LYS A 286 11.22 -25.00 37.98
C LYS A 286 11.92 -23.72 38.37
N LEU A 287 11.38 -22.59 37.91
CA LEU A 287 11.99 -21.29 38.21
C LEU A 287 11.94 -20.96 39.69
N SER A 288 10.84 -21.31 40.35
CA SER A 288 10.74 -21.05 41.80
C SER A 288 11.82 -21.82 42.58
N VAL A 289 12.06 -23.07 42.20
CA VAL A 289 13.08 -23.91 42.86
C VAL A 289 14.50 -23.33 42.63
N GLU A 290 14.78 -22.88 41.42
CA GLU A 290 16.05 -22.22 41.14
C GLU A 290 16.18 -20.87 41.84
N ARG A 291 15.07 -20.14 42.00
CA ARG A 291 15.13 -18.89 42.76
C ARG A 291 15.59 -19.16 44.19
N VAL A 292 15.01 -20.20 44.78
CA VAL A 292 15.38 -20.60 46.15
C VAL A 292 16.87 -20.94 46.22
N ARG A 293 17.34 -21.73 45.27
CA ARG A 293 18.76 -22.12 45.22
C ARG A 293 19.69 -20.92 45.04
N VAL A 294 19.36 -20.04 44.09
CA VAL A 294 20.18 -18.87 43.83
C VAL A 294 20.26 -17.93 45.02
N ALA A 295 19.10 -17.64 45.61
CA ALA A 295 19.03 -16.77 46.77
C ALA A 295 19.86 -17.33 47.94
N ALA A 296 19.73 -18.62 48.20
CA ALA A 296 20.44 -19.27 49.29
C ALA A 296 21.96 -19.23 49.00
N ARG A 297 22.36 -19.51 47.77
CA ARG A 297 23.79 -19.47 47.44
C ARG A 297 24.37 -18.07 47.57
N LEU A 298 23.66 -17.05 47.09
CA LEU A 298 24.10 -15.67 47.29
C LEU A 298 24.30 -15.32 48.78
N GLU A 299 23.38 -15.80 49.62
CA GLU A 299 23.47 -15.56 51.06
C GLU A 299 24.68 -16.28 51.64
N GLU A 300 24.90 -17.51 51.21
CA GLU A 300 26.05 -18.33 51.66
C GLU A 300 27.37 -17.66 51.29
N LEU A 301 27.39 -17.06 50.10
CA LEU A 301 28.57 -16.34 49.60
C LEU A 301 28.90 -15.12 50.43
N GLY A 302 27.88 -14.49 51.00
CA GLY A 302 28.04 -13.28 51.79
C GLY A 302 27.21 -12.10 51.35
N TYR A 303 26.36 -12.27 50.33
CA TYR A 303 25.58 -11.14 49.83
C TYR A 303 24.36 -10.87 50.69
N ALA A 304 23.93 -9.61 50.72
CA ALA A 304 22.65 -9.24 51.32
C ALA A 304 21.59 -9.46 50.24
N VAL A 305 20.67 -10.38 50.48
CA VAL A 305 19.64 -10.75 49.50
C VAL A 305 18.28 -10.32 50.01
N VAL A 306 17.50 -9.61 49.17
CA VAL A 306 16.12 -9.25 49.50
C VAL A 306 15.19 -10.41 49.13
N PRO A 307 14.32 -10.84 50.06
CA PRO A 307 13.40 -11.94 49.77
C PRO A 307 12.53 -11.63 48.58
N SER A 308 12.32 -12.62 47.71
CA SER A 308 11.59 -12.40 46.47
C SER A 308 10.52 -13.44 46.21
N GLU A 309 9.40 -12.99 45.64
CA GLU A 309 8.33 -13.87 45.18
C GLU A 309 8.19 -13.78 43.65
N SER A 310 9.28 -13.42 42.97
CA SER A 310 9.24 -13.22 41.50
C SER A 310 10.19 -14.18 40.78
N ASN A 311 10.58 -13.84 39.55
CA ASN A 311 11.58 -14.64 38.83
C ASN A 311 12.92 -13.91 38.78
N PHE A 312 13.16 -13.08 39.80
CA PHE A 312 14.42 -12.34 39.94
C PHE A 312 14.75 -12.12 41.40
N VAL A 313 16.03 -11.81 41.64
CA VAL A 313 16.55 -11.59 42.98
C VAL A 313 17.34 -10.30 43.01
N PHE A 314 17.02 -9.49 44.00
CA PHE A 314 17.61 -8.18 44.22
C PHE A 314 18.64 -8.38 45.35
N PHE A 315 19.90 -8.05 45.09
CA PHE A 315 20.96 -8.34 46.03
C PHE A 315 22.03 -7.25 46.05
N GLY A 316 22.79 -7.24 47.15
CA GLY A 316 23.77 -6.20 47.46
C GLY A 316 24.83 -6.75 48.40
N ASP A 317 25.68 -5.91 49.00
CA ASP A 317 25.65 -4.46 48.90
C ASP A 317 26.99 -3.91 48.41
N PHE A 318 27.03 -3.44 47.17
CA PHE A 318 28.26 -2.96 46.56
C PHE A 318 28.49 -1.49 46.87
N SER A 319 29.74 -1.06 46.93
CA SER A 319 30.05 0.37 46.99
C SER A 319 29.75 1.05 45.68
N ASP A 320 30.04 0.36 44.58
CA ASP A 320 29.76 0.85 43.25
C ASP A 320 29.09 -0.30 42.51
N GLN A 321 27.75 -0.26 42.44
CA GLN A 321 26.97 -1.35 41.83
C GLN A 321 27.31 -1.47 40.37
N HIS A 322 27.54 -0.34 39.72
CA HIS A 322 27.79 -0.38 38.30
C HIS A 322 29.13 -1.00 37.96
N ALA A 323 30.12 -0.84 38.85
CA ALA A 323 31.38 -1.56 38.70
C ALA A 323 31.17 -3.05 38.86
N ALA A 324 30.34 -3.43 39.84
CA ALA A 324 30.01 -4.84 40.06
C ALA A 324 29.31 -5.40 38.83
N TRP A 325 28.37 -4.64 38.30
CA TRP A 325 27.66 -4.99 37.07
C TRP A 325 28.64 -5.27 35.93
N GLN A 326 29.56 -4.34 35.71
CA GLN A 326 30.62 -4.54 34.68
C GLN A 326 31.46 -5.77 34.98
N ALA A 327 31.73 -6.04 36.26
CA ALA A 327 32.49 -7.24 36.62
C ALA A 327 31.74 -8.53 36.28
N PHE A 328 30.42 -8.55 36.46
CA PHE A 328 29.63 -9.69 35.97
C PHE A 328 29.72 -9.79 34.45
N LEU A 329 29.59 -8.64 33.79
CA LEU A 329 29.58 -8.58 32.33
C LEU A 329 30.91 -9.08 31.74
N ASP A 330 32.03 -8.67 32.36
CA ASP A 330 33.37 -9.16 31.99
C ASP A 330 33.44 -10.68 32.04
N ARG A 331 32.62 -11.29 32.90
CA ARG A 331 32.59 -12.75 33.08
C ARG A 331 31.53 -13.44 32.24
N GLY A 332 30.93 -12.68 31.31
CA GLY A 332 29.95 -13.22 30.37
C GLY A 332 28.53 -13.26 30.90
N VAL A 333 28.27 -12.54 32.00
CA VAL A 333 26.96 -12.59 32.67
C VAL A 333 26.32 -11.19 32.68
N LEU A 334 25.18 -11.07 32.01
CA LEU A 334 24.49 -9.78 31.86
C LEU A 334 23.31 -9.77 32.82
N ILE A 335 23.42 -8.96 33.87
CA ILE A 335 22.32 -8.76 34.81
C ILE A 335 21.91 -7.30 34.72
N ARG A 336 21.08 -6.84 35.65
CA ARG A 336 20.43 -5.55 35.49
C ARG A 336 20.89 -4.60 36.59
N ASP A 337 21.41 -3.47 36.16
CA ASP A 337 21.70 -2.37 37.06
C ASP A 337 20.46 -1.52 36.97
N VAL A 338 19.68 -1.49 38.05
CA VAL A 338 18.40 -0.82 38.08
C VAL A 338 18.52 0.60 38.67
N GLY A 339 19.74 1.13 38.69
CA GLY A 339 19.96 2.50 39.15
C GLY A 339 19.77 2.69 40.64
N ILE A 340 19.90 1.61 41.41
CA ILE A 340 19.74 1.64 42.87
C ILE A 340 21.06 1.39 43.57
N ALA A 341 21.46 2.35 44.39
CA ALA A 341 22.72 2.29 45.14
C ALA A 341 22.92 0.96 45.86
N GLY A 342 24.11 0.40 45.66
CA GLY A 342 24.52 -0.86 46.25
C GLY A 342 23.92 -2.16 45.75
N HIS A 343 22.95 -2.12 44.83
CA HIS A 343 22.20 -3.33 44.48
C HIS A 343 22.15 -3.61 42.98
N LEU A 344 22.02 -4.89 42.62
CA LEU A 344 21.75 -5.32 41.24
C LEU A 344 20.60 -6.35 41.26
N ARG A 345 20.03 -6.60 40.09
CA ARG A 345 18.89 -7.49 39.95
C ARG A 345 19.26 -8.57 38.94
N THR A 346 19.21 -9.82 39.38
CA THR A 346 19.43 -10.96 38.52
C THR A 346 18.14 -11.72 38.28
N THR A 347 17.91 -12.05 37.01
CA THR A 347 16.79 -12.87 36.62
C THR A 347 17.15 -14.34 36.82
N ILE A 348 16.18 -15.15 37.26
CA ILE A 348 16.39 -16.60 37.36
C ILE A 348 16.32 -17.22 35.97
N GLY A 349 17.39 -17.94 35.60
CA GLY A 349 17.50 -18.61 34.30
C GLY A 349 17.35 -20.12 34.43
N VAL A 350 17.83 -20.84 33.43
CA VAL A 350 17.91 -22.30 33.51
C VAL A 350 19.11 -22.61 34.43
N PRO A 351 19.16 -23.81 35.00
CA PRO A 351 20.24 -24.14 35.94
C PRO A 351 21.67 -23.79 35.49
N GLU A 352 22.04 -24.12 34.26
CA GLU A 352 23.36 -23.78 33.73
C GLU A 352 23.65 -22.26 33.75
N GLU A 353 22.64 -21.44 33.47
CA GLU A 353 22.78 -19.97 33.53
C GLU A 353 22.96 -19.50 34.97
N ASN A 354 22.15 -20.05 35.88
CA ASN A 354 22.24 -19.67 37.27
C ASN A 354 23.60 -20.04 37.87
N ASP A 355 24.10 -21.21 37.50
CA ASP A 355 25.45 -21.65 37.90
C ASP A 355 26.54 -20.69 37.44
N ALA A 356 26.45 -20.25 36.18
CA ALA A 356 27.40 -19.27 35.67
C ALA A 356 27.29 -17.96 36.43
N PHE A 357 26.07 -17.53 36.74
CA PHE A 357 25.87 -16.33 37.55
C PHE A 357 26.49 -16.46 38.93
N LEU A 358 26.25 -17.62 39.56
CA LEU A 358 26.73 -17.88 40.91
C LEU A 358 28.27 -18.00 40.93
N ASP A 359 28.84 -18.64 39.91
CA ASP A 359 30.30 -18.69 39.75
C ASP A 359 30.90 -17.29 39.68
N ALA A 360 30.28 -16.41 38.90
CA ALA A 360 30.74 -15.04 38.80
C ALA A 360 30.54 -14.30 40.12
N ALA A 361 29.41 -14.55 40.79
CA ALA A 361 29.12 -13.86 42.04
C ALA A 361 30.16 -14.24 43.11
N ALA A 362 30.59 -15.50 43.08
CA ALA A 362 31.61 -16.00 44.01
C ALA A 362 32.95 -15.26 43.82
N GLU A 363 33.35 -15.08 42.56
CA GLU A 363 34.56 -14.31 42.24
C GLU A 363 34.40 -12.85 42.64
N ILE A 364 33.25 -12.28 42.35
CA ILE A 364 33.06 -10.84 42.50
C ILE A 364 33.00 -10.37 43.96
N ILE A 365 32.48 -11.19 44.87
CA ILE A 365 32.37 -10.75 46.26
C ILE A 365 33.77 -10.53 46.85
N LYS A 366 34.75 -11.29 46.37
CA LYS A 366 36.14 -11.13 46.82
C LYS A 366 36.83 -9.85 46.35
N LEU A 367 36.29 -9.22 45.30
CA LEU A 367 36.84 -7.97 44.78
C LEU A 367 36.40 -6.77 45.61
N ASN A 368 35.42 -6.99 46.50
CA ASN A 368 34.95 -5.95 47.39
C ASN A 368 34.65 -4.67 46.63
N LEU A 369 33.72 -4.75 45.67
CA LEU A 369 33.39 -3.63 44.77
C LEU A 369 32.29 -2.71 45.32
N MET B 4 -21.36 -6.77 42.56
CA MET B 4 -20.62 -5.57 42.19
C MET B 4 -21.64 -4.48 41.92
N THR B 5 -21.38 -3.29 42.45
CA THR B 5 -22.13 -2.14 42.05
C THR B 5 -22.13 -1.82 40.57
N LYS B 6 -23.28 -1.43 40.08
CA LYS B 6 -23.48 -1.28 38.65
C LYS B 6 -23.02 0.11 38.19
N ILE B 7 -21.99 0.15 37.35
CA ILE B 7 -21.39 1.42 36.95
C ILE B 7 -21.22 1.49 35.46
N THR B 8 -20.90 2.69 34.97
CA THR B 8 -20.57 2.92 33.57
C THR B 8 -19.40 3.89 33.49
N LEU B 9 -18.97 4.21 32.27
CA LEU B 9 -17.87 5.15 32.06
C LEU B 9 -18.06 6.48 32.80
N SER B 10 -19.31 6.91 32.97
CA SER B 10 -19.60 8.15 33.70
C SER B 10 -19.07 8.14 35.13
N ASP B 11 -18.98 6.96 35.73
CA ASP B 11 -18.53 6.78 37.10
C ASP B 11 -17.01 6.73 37.25
N LEU B 12 -16.29 6.70 36.14
CA LEU B 12 -14.83 6.66 36.18
C LEU B 12 -14.26 8.06 36.06
N PRO B 13 -13.10 8.33 36.68
CA PRO B 13 -12.46 9.64 36.62
C PRO B 13 -11.75 9.93 35.28
N LEU B 14 -12.47 9.79 34.18
CA LEU B 14 -11.92 10.01 32.85
C LEU B 14 -11.52 11.48 32.65
N ARG B 15 -10.52 11.75 31.82
CA ARG B 15 -10.17 13.15 31.49
C ARG B 15 -11.41 13.84 30.90
N GLU B 16 -11.62 15.09 31.29
CA GLU B 16 -12.83 15.82 30.87
C GLU B 16 -12.96 15.90 29.35
N GLU B 17 -11.86 16.19 28.67
CA GLU B 17 -11.86 16.34 27.22
C GLU B 17 -12.28 15.08 26.46
N LEU B 18 -12.29 13.93 27.14
CA LEU B 18 -12.69 12.66 26.53
C LEU B 18 -14.18 12.35 26.73
N ARG B 19 -14.86 13.16 27.54
CA ARG B 19 -16.30 12.99 27.76
C ARG B 19 -17.04 13.27 26.45
N GLY B 20 -17.99 12.40 26.11
CA GLY B 20 -18.76 12.55 24.88
C GLY B 20 -18.03 12.22 23.58
N GLU B 21 -16.81 11.68 23.69
CA GLU B 21 -16.06 11.25 22.51
C GLU B 21 -16.49 9.85 22.11
N HIS B 22 -16.16 9.45 20.90
CA HIS B 22 -16.53 8.12 20.38
C HIS B 22 -15.28 7.44 19.85
N ALA B 23 -15.24 6.12 20.02
CA ALA B 23 -14.14 5.30 19.50
C ALA B 23 -14.10 5.40 17.99
N TYR B 24 -12.91 5.61 17.46
CA TYR B 24 -12.74 5.74 16.02
C TYR B 24 -12.74 4.39 15.32
N GLY B 25 -13.26 4.37 14.09
CA GLY B 25 -13.13 3.23 13.20
C GLY B 25 -14.42 2.91 12.46
N ALA B 26 -14.28 2.51 11.20
CA ALA B 26 -15.42 2.15 10.37
C ALA B 26 -16.16 0.98 11.04
N PRO B 27 -17.48 0.90 10.82
CA PRO B 27 -18.19 -0.22 11.44
C PRO B 27 -17.71 -1.55 10.85
N GLN B 28 -17.61 -2.54 11.71
CA GLN B 28 -17.09 -3.84 11.33
C GLN B 28 -18.27 -4.70 10.93
N LEU B 29 -18.83 -4.40 9.77
CA LEU B 29 -20.00 -5.12 9.25
C LEU B 29 -19.54 -6.20 8.32
N ASN B 30 -20.08 -7.40 8.51
CA ASN B 30 -19.70 -8.56 7.73
C ASN B 30 -20.45 -8.60 6.40
N VAL B 31 -20.11 -7.70 5.49
CA VAL B 31 -20.73 -7.65 4.16
C VAL B 31 -19.80 -8.36 3.20
N ASP B 32 -20.33 -8.93 2.13
CA ASP B 32 -19.51 -9.69 1.22
C ASP B 32 -18.61 -8.81 0.34
N ILE B 33 -18.98 -7.55 0.11
CA ILE B 33 -18.14 -6.64 -0.68
C ILE B 33 -17.72 -5.47 0.22
N ARG B 34 -16.46 -5.49 0.66
CA ARG B 34 -15.91 -4.48 1.57
C ARG B 34 -14.90 -3.60 0.86
N LEU B 35 -15.27 -2.32 0.71
CA LEU B 35 -14.52 -1.36 -0.06
C LEU B 35 -14.42 -0.05 0.73
N ASN B 36 -14.05 -0.17 1.99
CA ASN B 36 -14.15 0.94 2.93
C ASN B 36 -12.91 1.36 3.70
N THR B 37 -11.82 0.60 3.65
CA THR B 37 -10.63 0.94 4.43
C THR B 37 -9.35 1.03 3.59
N ASN B 38 -9.51 1.14 2.28
CA ASN B 38 -8.41 1.39 1.37
C ASN B 38 -7.39 0.25 1.34
N GLU B 39 -7.85 -0.95 1.71
CA GLU B 39 -7.02 -2.14 1.67
C GLU B 39 -6.81 -2.56 0.22
N ASN B 40 -5.64 -3.12 -0.06
CA ASN B 40 -5.41 -3.86 -1.29
C ASN B 40 -6.27 -5.13 -1.25
N PRO B 41 -7.13 -5.34 -2.26
CA PRO B 41 -8.07 -6.43 -2.21
C PRO B 41 -7.48 -7.79 -2.50
N TYR B 42 -6.24 -7.85 -2.99
CA TYR B 42 -5.64 -9.12 -3.39
C TYR B 42 -5.05 -9.80 -2.17
N PRO B 43 -5.27 -11.11 -2.02
CA PRO B 43 -4.64 -11.79 -0.88
C PRO B 43 -3.14 -11.86 -1.08
N PRO B 44 -2.38 -11.95 0.02
CA PRO B 44 -0.94 -12.13 -0.11
C PRO B 44 -0.64 -13.35 -0.97
N SER B 45 0.43 -13.30 -1.75
CA SER B 45 0.78 -14.36 -2.69
C SER B 45 1.11 -15.69 -1.99
N GLU B 46 0.92 -16.79 -2.72
CA GLU B 46 1.27 -18.10 -2.16
C GLU B 46 2.73 -18.14 -1.74
N ALA B 47 3.59 -17.54 -2.57
CA ALA B 47 5.04 -17.50 -2.34
C ALA B 47 5.37 -16.70 -1.08
N LEU B 48 4.72 -15.55 -0.90
CA LEU B 48 4.88 -14.76 0.32
C LEU B 48 4.46 -15.58 1.54
N VAL B 49 3.28 -16.19 1.50
CA VAL B 49 2.73 -16.97 2.61
C VAL B 49 3.65 -18.14 3.00
N ALA B 50 4.13 -18.87 2.01
CA ALA B 50 5.05 -19.99 2.24
C ALA B 50 6.32 -19.52 2.96
N ASP B 51 6.84 -18.39 2.53
CA ASP B 51 8.02 -17.78 3.13
C ASP B 51 7.72 -17.34 4.56
N LEU B 52 6.56 -16.72 4.76
CA LEU B 52 6.17 -16.30 6.11
C LEU B 52 6.08 -17.52 7.04
N VAL B 53 5.47 -18.61 6.55
CA VAL B 53 5.25 -19.80 7.36
C VAL B 53 6.58 -20.42 7.80
N ALA B 54 7.51 -20.53 6.87
CA ALA B 54 8.86 -21.05 7.13
C ALA B 54 9.60 -20.16 8.12
N THR B 55 9.46 -18.86 7.94
CA THR B 55 10.14 -17.88 8.79
C THR B 55 9.64 -17.95 10.23
N VAL B 56 8.33 -18.02 10.40
CA VAL B 56 7.76 -18.16 11.73
C VAL B 56 8.23 -19.46 12.42
N ASP B 57 8.30 -20.56 11.67
CA ASP B 57 8.78 -21.84 12.21
C ASP B 57 10.21 -21.70 12.74
N LYS B 58 10.99 -20.85 12.08
CA LYS B 58 12.37 -20.60 12.45
C LYS B 58 12.45 -19.68 13.69
N ILE B 59 11.75 -18.54 13.67
CA ILE B 59 11.91 -17.56 14.75
C ILE B 59 11.01 -17.78 15.98
N ALA B 60 9.98 -18.61 15.86
CA ALA B 60 9.05 -18.84 16.99
C ALA B 60 9.74 -19.40 18.22
N THR B 61 10.86 -20.11 18.03
CA THR B 61 11.60 -20.68 19.16
C THR B 61 12.27 -19.62 20.02
N GLU B 62 12.25 -18.36 19.56
CA GLU B 62 12.83 -17.26 20.32
C GLU B 62 11.78 -16.31 20.92
N LEU B 63 10.49 -16.65 20.84
CA LEU B 63 9.44 -15.72 21.30
C LEU B 63 9.38 -15.49 22.81
N ASN B 64 10.11 -16.29 23.58
CA ASN B 64 10.26 -15.98 25.01
C ASN B 64 11.13 -14.73 25.25
N ARG B 65 11.93 -14.34 24.27
CA ARG B 65 12.79 -13.17 24.41
C ARG B 65 12.17 -11.89 23.86
N TYR B 66 12.49 -10.76 24.48
CA TYR B 66 12.10 -9.46 23.90
C TYR B 66 12.68 -9.39 22.48
N PRO B 67 11.97 -8.72 21.57
CA PRO B 67 12.44 -8.65 20.21
C PRO B 67 13.60 -7.67 20.11
N GLU B 68 14.21 -7.57 18.93
CA GLU B 68 15.29 -6.61 18.75
C GLU B 68 14.67 -5.22 18.84
N ARG B 69 15.16 -4.43 19.78
CA ARG B 69 14.49 -3.21 20.18
C ARG B 69 14.44 -2.15 19.09
N ASP B 70 15.51 -2.06 18.29
CA ASP B 70 15.62 -0.99 17.29
C ASP B 70 15.26 -1.44 15.87
N ALA B 71 14.80 -2.68 15.70
CA ALA B 71 14.34 -3.20 14.39
C ALA B 71 15.32 -2.89 13.25
N VAL B 72 16.60 -3.18 13.49
CA VAL B 72 17.63 -2.79 12.54
C VAL B 72 17.51 -3.48 11.18
N GLU B 73 17.25 -4.79 11.17
CA GLU B 73 17.16 -5.54 9.92
C GLU B 73 15.95 -5.06 9.10
N LEU B 74 14.83 -4.90 9.79
CA LEU B 74 13.63 -4.37 9.15
C LEU B 74 13.94 -3.02 8.54
N ARG B 75 14.60 -2.16 9.32
CA ARG B 75 14.94 -0.82 8.81
C ARG B 75 15.92 -0.86 7.61
N ASP B 76 16.85 -1.81 7.60
CA ASP B 76 17.68 -2.05 6.41
C ASP B 76 16.81 -2.32 5.17
N GLU B 77 15.84 -3.22 5.31
CA GLU B 77 15.05 -3.67 4.17
C GLU B 77 14.02 -2.63 3.74
N LEU B 78 13.50 -1.85 4.67
CA LEU B 78 12.66 -0.69 4.29
C LEU B 78 13.51 0.32 3.53
N ALA B 79 14.78 0.46 3.93
CA ALA B 79 15.67 1.44 3.29
C ALA B 79 15.98 0.97 1.87
N ALA B 80 16.14 -0.34 1.69
CA ALA B 80 16.40 -0.92 0.38
C ALA B 80 15.19 -0.66 -0.52
N TYR B 81 13.99 -0.87 0.03
CA TYR B 81 12.76 -0.65 -0.73
C TYR B 81 12.63 0.80 -1.20
N ILE B 82 12.81 1.73 -0.28
CA ILE B 82 12.65 3.16 -0.56
C ILE B 82 13.65 3.64 -1.61
N THR B 83 14.90 3.18 -1.47
CA THR B 83 15.95 3.47 -2.44
C THR B 83 15.52 3.05 -3.86
N LYS B 84 15.01 1.83 -3.98
CA LYS B 84 14.53 1.31 -5.25
C LYS B 84 13.27 2.02 -5.73
N GLN B 85 12.32 2.17 -4.82
CA GLN B 85 11.00 2.67 -5.16
C GLN B 85 11.01 4.15 -5.53
N THR B 86 11.78 4.96 -4.80
CA THR B 86 11.77 6.40 -5.00
C THR B 86 13.03 6.94 -5.66
N GLY B 87 14.04 6.10 -5.84
CA GLY B 87 15.30 6.51 -6.44
C GLY B 87 16.17 7.36 -5.54
N VAL B 88 15.86 7.41 -4.24
CA VAL B 88 16.62 8.20 -3.31
C VAL B 88 17.39 7.31 -2.33
N ALA B 89 18.73 7.38 -2.39
CA ALA B 89 19.59 6.55 -1.54
C ALA B 89 19.36 6.87 -0.07
N VAL B 90 18.90 5.86 0.68
CA VAL B 90 18.76 5.94 2.14
C VAL B 90 19.26 4.65 2.77
N THR B 91 19.51 4.70 4.07
CA THR B 91 19.94 3.55 4.83
C THR B 91 19.04 3.44 6.06
N ARG B 92 19.24 2.38 6.82
CA ARG B 92 18.60 2.20 8.13
C ARG B 92 18.59 3.47 8.98
N ASP B 93 19.67 4.26 8.88
CA ASP B 93 19.78 5.46 9.68
C ASP B 93 18.67 6.49 9.43
N ASN B 94 18.09 6.42 8.23
CA ASN B 94 17.01 7.30 7.80
C ASN B 94 15.61 6.73 7.99
N LEU B 95 15.52 5.50 8.47
CA LEU B 95 14.26 4.77 8.54
C LEU B 95 13.86 4.46 9.97
N TRP B 96 12.55 4.56 10.23
CA TRP B 96 11.99 4.23 11.54
C TRP B 96 10.65 3.55 11.30
N ALA B 97 10.41 2.44 11.99
CA ALA B 97 9.16 1.69 11.84
C ALA B 97 8.38 1.66 13.15
N ALA B 98 7.07 1.52 13.03
CA ALA B 98 6.18 1.34 14.16
C ALA B 98 4.92 0.57 13.74
N ASN B 99 4.04 0.35 14.70
CA ASN B 99 2.78 -0.40 14.49
C ASN B 99 1.76 0.45 13.74
N GLY B 100 1.89 0.42 12.42
CA GLY B 100 1.09 1.28 11.55
C GLY B 100 1.61 2.71 11.50
N SER B 101 1.28 3.41 10.40
CA SER B 101 1.47 4.86 10.31
C SER B 101 0.86 5.59 11.47
N ASN B 102 -0.26 5.08 11.98
CA ASN B 102 -0.89 5.69 13.16
C ASN B 102 0.10 5.86 14.31
N GLU B 103 0.87 4.82 14.62
CA GLU B 103 1.86 4.91 15.69
C GLU B 103 3.05 5.79 15.29
N ILE B 104 3.45 5.75 14.02
CA ILE B 104 4.47 6.67 13.53
C ILE B 104 4.08 8.14 13.78
N LEU B 105 2.85 8.45 13.43
CA LEU B 105 2.30 9.81 13.57
C LEU B 105 2.17 10.20 15.03
N GLN B 106 1.75 9.25 15.86
CA GLN B 106 1.65 9.46 17.30
C GLN B 106 3.01 9.83 17.90
N GLN B 107 4.04 9.09 17.51
CA GLN B 107 5.39 9.33 18.01
C GLN B 107 5.94 10.67 17.54
N LEU B 108 5.73 11.00 16.28
CA LEU B 108 6.22 12.29 15.77
C LEU B 108 5.52 13.45 16.49
N LEU B 109 4.22 13.30 16.72
CA LEU B 109 3.46 14.30 17.45
C LEU B 109 3.96 14.43 18.88
N GLN B 110 4.32 13.31 19.50
CA GLN B 110 4.89 13.36 20.86
C GLN B 110 6.22 14.13 20.94
N ALA B 111 7.10 13.92 19.97
CA ALA B 111 8.43 14.52 19.98
C ALA B 111 8.44 15.98 19.51
N PHE B 112 7.54 16.32 18.58
CA PHE B 112 7.52 17.64 17.93
C PHE B 112 6.24 18.44 18.09
N GLY B 113 5.20 17.81 18.62
CA GLY B 113 3.94 18.47 18.90
C GLY B 113 3.77 18.58 20.40
N GLY B 114 2.56 18.33 20.87
CA GLY B 114 2.30 18.23 22.29
C GLY B 114 1.87 19.53 22.92
N PRO B 115 1.71 19.54 24.26
CA PRO B 115 1.16 20.69 24.94
C PRO B 115 1.88 21.98 24.56
N GLY B 116 1.11 23.02 24.29
CA GLY B 116 1.65 24.32 23.91
C GLY B 116 2.07 24.43 22.45
N ARG B 117 1.90 23.35 21.68
CA ARG B 117 2.26 23.35 20.26
C ARG B 117 1.06 23.04 19.39
N THR B 118 1.20 23.28 18.09
CA THR B 118 0.12 23.19 17.14
C THR B 118 0.50 22.35 15.92
N ALA B 119 -0.51 21.74 15.30
CA ALA B 119 -0.32 21.03 14.03
C ALA B 119 -1.35 21.55 13.05
N LEU B 120 -0.94 21.79 11.81
CA LEU B 120 -1.78 22.39 10.81
C LEU B 120 -2.06 21.41 9.69
N GLY B 121 -3.34 21.26 9.34
CA GLY B 121 -3.74 20.35 8.25
C GLY B 121 -4.68 21.00 7.27
N PHE B 122 -4.77 20.41 6.08
CA PHE B 122 -5.60 20.95 5.01
C PHE B 122 -6.83 20.08 4.83
N GLN B 123 -7.96 20.53 5.37
CA GLN B 123 -9.14 19.70 5.45
C GLN B 123 -10.00 19.84 4.20
N PRO B 124 -10.69 18.76 3.79
CA PRO B 124 -10.75 17.44 4.41
C PRO B 124 -9.50 16.61 4.08
N SER B 125 -8.90 16.05 5.13
CA SER B 125 -7.82 15.10 4.95
C SER B 125 -8.02 13.96 5.97
N TYR B 126 -6.96 13.21 6.23
CA TYR B 126 -7.09 11.97 6.99
C TYR B 126 -7.62 12.28 8.37
N SER B 127 -8.71 11.62 8.74
CA SER B 127 -9.39 11.96 9.97
C SER B 127 -8.55 11.66 11.22
N MET B 128 -7.53 10.80 11.13
CA MET B 128 -6.70 10.54 12.32
C MET B 128 -5.65 11.64 12.60
N HIS B 129 -5.38 12.52 11.64
CA HIS B 129 -4.42 13.60 11.89
C HIS B 129 -4.91 14.46 13.08
N PRO B 130 -6.13 15.05 12.98
CA PRO B 130 -6.65 15.80 14.14
C PRO B 130 -6.90 14.97 15.40
N ILE B 131 -7.29 13.70 15.25
CA ILE B 131 -7.51 12.82 16.39
C ILE B 131 -6.21 12.54 17.16
N LEU B 132 -5.16 12.21 16.42
CA LEU B 132 -3.85 12.00 17.01
C LEU B 132 -3.28 13.30 17.62
N ALA B 133 -3.55 14.42 16.96
CA ALA B 133 -3.18 15.72 17.48
C ALA B 133 -3.80 15.87 18.86
N LYS B 134 -5.13 15.73 18.93
CA LYS B 134 -5.84 15.86 20.19
C LYS B 134 -5.32 14.86 21.22
N GLY B 135 -5.17 13.61 20.81
CA GLY B 135 -4.64 12.58 21.70
C GLY B 135 -3.28 12.90 22.28
N THR B 136 -2.45 13.64 21.55
CA THR B 136 -1.12 14.00 22.04
C THR B 136 -1.09 15.43 22.62
N HIS B 137 -2.27 16.01 22.83
CA HIS B 137 -2.43 17.37 23.37
C HIS B 137 -1.81 18.43 22.48
N THR B 138 -1.85 18.16 21.19
CA THR B 138 -1.43 19.09 20.16
C THR B 138 -2.67 19.79 19.62
N GLU B 139 -2.68 21.11 19.65
CA GLU B 139 -3.77 21.87 19.07
C GLU B 139 -3.73 21.70 17.56
N PHE B 140 -4.88 21.43 16.95
CA PHE B 140 -4.95 21.23 15.51
C PHE B 140 -5.56 22.47 14.85
N ILE B 141 -4.93 22.92 13.78
CA ILE B 141 -5.44 24.03 12.99
C ILE B 141 -5.89 23.52 11.63
N ALA B 142 -7.18 23.63 11.37
CA ALA B 142 -7.75 23.18 10.12
C ALA B 142 -7.73 24.33 9.12
N VAL B 143 -7.04 24.16 8.00
CA VAL B 143 -7.08 25.10 6.88
C VAL B 143 -7.88 24.44 5.77
N SER B 144 -8.83 25.16 5.18
CA SER B 144 -9.71 24.55 4.20
C SER B 144 -9.07 24.39 2.82
N ARG B 145 -9.23 23.20 2.24
CA ARG B 145 -8.95 23.00 0.84
C ARG B 145 -9.94 23.79 0.00
N GLY B 146 -9.64 23.98 -1.28
CA GLY B 146 -10.49 24.75 -2.18
C GLY B 146 -11.74 24.00 -2.62
N ALA B 147 -12.56 24.69 -3.42
CA ALA B 147 -13.77 24.11 -3.98
C ALA B 147 -13.50 22.83 -4.78
N ASP B 148 -12.32 22.74 -5.40
CA ASP B 148 -11.95 21.55 -6.16
C ASP B 148 -11.33 20.46 -5.27
N PHE B 149 -11.45 20.66 -3.95
CA PHE B 149 -10.90 19.75 -2.94
C PHE B 149 -9.37 19.63 -2.91
N ARG B 150 -8.68 20.40 -3.75
CA ARG B 150 -7.22 20.49 -3.71
C ARG B 150 -6.79 21.57 -2.71
N ILE B 151 -5.51 21.57 -2.34
CA ILE B 151 -4.99 22.60 -1.45
C ILE B 151 -5.02 23.93 -2.21
N ASP B 152 -5.56 24.96 -1.57
CA ASP B 152 -5.51 26.32 -2.11
C ASP B 152 -4.24 26.93 -1.53
N MET B 153 -3.23 27.06 -2.37
CA MET B 153 -1.88 27.43 -1.92
C MET B 153 -1.79 28.85 -1.35
N ASP B 154 -2.52 29.80 -1.91
CA ASP B 154 -2.54 31.15 -1.34
C ASP B 154 -3.00 31.11 0.11
N VAL B 155 -4.12 30.44 0.37
CA VAL B 155 -4.64 30.32 1.73
C VAL B 155 -3.68 29.53 2.62
N ALA B 156 -3.10 28.45 2.08
CA ALA B 156 -2.19 27.61 2.85
C ALA B 156 -0.95 28.37 3.32
N LEU B 157 -0.25 29.00 2.37
CA LEU B 157 0.99 29.70 2.69
C LEU B 157 0.71 30.88 3.62
N GLU B 158 -0.43 31.54 3.43
CA GLU B 158 -0.86 32.64 4.28
C GLU B 158 -1.09 32.20 5.72
N GLU B 159 -1.78 31.08 5.90
CA GLU B 159 -2.10 30.59 7.24
C GLU B 159 -0.86 30.05 7.96
N ILE B 160 0.04 29.39 7.22
CA ILE B 160 1.27 28.89 7.82
C ILE B 160 2.11 30.09 8.30
N ARG B 161 2.23 31.10 7.45
CA ARG B 161 2.94 32.34 7.83
C ARG B 161 2.33 32.98 9.06
N ALA B 162 1.00 33.08 9.07
CA ALA B 162 0.29 33.73 10.16
C ALA B 162 0.41 32.94 11.46
N LYS B 163 0.24 31.63 11.38
CA LYS B 163 0.09 30.81 12.58
C LYS B 163 1.39 30.21 13.10
N GLN B 164 2.39 30.08 12.23
CA GLN B 164 3.68 29.50 12.61
C GLN B 164 3.51 28.13 13.28
N PRO B 165 2.84 27.19 12.59
CA PRO B 165 2.52 25.91 13.22
C PRO B 165 3.79 25.09 13.49
N ASP B 166 3.81 24.36 14.60
CA ASP B 166 4.94 23.49 14.92
C ASP B 166 5.06 22.30 13.95
N ILE B 167 3.90 21.82 13.50
CA ILE B 167 3.82 20.72 12.54
C ILE B 167 2.85 21.08 11.42
N VAL B 168 3.21 20.76 10.19
CA VAL B 168 2.28 20.83 9.07
C VAL B 168 2.12 19.43 8.48
N PHE B 169 0.87 18.98 8.33
CA PHE B 169 0.54 17.72 7.63
C PHE B 169 0.21 18.00 6.16
N VAL B 170 0.87 17.31 5.24
CA VAL B 170 0.46 17.32 3.85
C VAL B 170 0.28 15.87 3.43
N THR B 171 -0.95 15.48 3.09
CA THR B 171 -1.25 14.11 2.68
C THR B 171 -1.34 14.07 1.17
N THR B 172 -0.54 13.21 0.55
CA THR B 172 -0.47 13.18 -0.92
C THR B 172 0.00 11.84 -1.44
N PRO B 173 -0.85 11.14 -2.22
CA PRO B 173 -2.25 11.43 -2.53
C PRO B 173 -3.10 11.65 -1.27
N ASN B 174 -4.06 12.57 -1.36
CA ASN B 174 -4.88 12.88 -0.20
C ASN B 174 -5.95 11.83 0.04
N ASN B 175 -6.19 11.53 1.32
CA ASN B 175 -7.34 10.79 1.78
C ASN B 175 -8.24 11.83 2.44
N PRO B 176 -9.50 11.96 1.98
CA PRO B 176 -10.28 11.09 1.09
C PRO B 176 -10.43 11.49 -0.38
N THR B 177 -9.83 12.60 -0.78
CA THR B 177 -10.13 13.21 -2.09
C THR B 177 -9.34 12.63 -3.25
N GLY B 178 -8.12 12.13 -2.98
CA GLY B 178 -7.32 11.39 -3.96
C GLY B 178 -6.28 12.19 -4.73
N ASP B 179 -6.36 13.52 -4.66
CA ASP B 179 -5.44 14.38 -5.40
C ASP B 179 -4.01 14.40 -4.83
N VAL B 180 -3.04 14.44 -5.73
CA VAL B 180 -1.65 14.66 -5.37
C VAL B 180 -1.33 16.15 -5.30
N THR B 181 -0.61 16.55 -4.26
CA THR B 181 -0.03 17.88 -4.15
C THR B 181 1.36 17.83 -4.76
N SER B 182 1.59 18.61 -5.82
CA SER B 182 2.84 18.58 -6.55
C SER B 182 4.01 18.86 -5.63
N LEU B 183 5.18 18.34 -5.99
CA LEU B 183 6.37 18.53 -5.18
C LEU B 183 6.74 20.01 -5.08
N ASP B 184 6.50 20.77 -6.15
CA ASP B 184 6.71 22.23 -6.08
C ASP B 184 5.85 22.87 -5.00
N ASP B 185 4.59 22.46 -4.89
CA ASP B 185 3.72 22.99 -3.85
C ASP B 185 4.10 22.51 -2.45
N VAL B 186 4.58 21.27 -2.35
CA VAL B 186 5.11 20.77 -1.09
C VAL B 186 6.34 21.59 -0.69
N GLU B 187 7.21 21.87 -1.65
CA GLU B 187 8.40 22.70 -1.39
C GLU B 187 8.02 24.08 -0.89
N ARG B 188 6.96 24.66 -1.46
CA ARG B 188 6.53 25.99 -1.03
C ARG B 188 6.03 25.98 0.40
N ILE B 189 5.34 24.90 0.77
CA ILE B 189 4.83 24.75 2.12
C ILE B 189 5.98 24.55 3.12
N ILE B 190 6.95 23.72 2.75
CA ILE B 190 8.08 23.42 3.64
C ILE B 190 8.89 24.69 3.94
N ASN B 191 9.10 25.51 2.90
CA ASN B 191 9.88 26.73 3.05
C ASN B 191 9.26 27.74 4.02
N VAL B 192 7.94 27.83 4.06
CA VAL B 192 7.28 28.74 5.02
C VAL B 192 7.07 28.10 6.40
N ALA B 193 7.01 26.77 6.46
CA ALA B 193 6.84 26.07 7.74
C ALA B 193 8.07 26.26 8.65
N PRO B 194 7.86 26.72 9.88
CA PRO B 194 8.94 26.96 10.84
C PRO B 194 9.46 25.71 11.58
N GLY B 195 8.61 24.70 11.74
CA GLY B 195 8.95 23.51 12.52
C GLY B 195 9.28 22.33 11.64
N ILE B 196 8.38 21.35 11.63
CA ILE B 196 8.51 20.23 10.71
C ILE B 196 7.29 20.17 9.81
N VAL B 197 7.46 19.51 8.67
CA VAL B 197 6.38 19.14 7.80
C VAL B 197 6.36 17.60 7.67
N ILE B 198 5.22 16.99 7.98
CA ILE B 198 5.05 15.54 7.79
C ILE B 198 4.27 15.35 6.48
N VAL B 199 4.93 14.82 5.46
CA VAL B 199 4.26 14.52 4.21
C VAL B 199 3.82 13.08 4.35
N ASP B 200 2.49 12.87 4.41
CA ASP B 200 1.90 11.56 4.59
C ASP B 200 1.65 10.94 3.22
N GLU B 201 2.55 10.04 2.84
CA GLU B 201 2.54 9.34 1.56
C GLU B 201 2.00 7.90 1.69
N ALA B 202 0.99 7.73 2.53
CA ALA B 202 0.33 6.44 2.68
C ALA B 202 -0.03 5.80 1.33
N TYR B 203 -0.43 6.63 0.36
CA TYR B 203 -0.93 6.15 -0.95
C TYR B 203 0.04 6.40 -2.08
N ALA B 204 1.30 6.69 -1.75
CA ALA B 204 2.28 7.12 -2.75
C ALA B 204 2.48 6.11 -3.88
N GLU B 205 2.47 4.83 -3.53
CA GLU B 205 2.68 3.78 -4.52
C GLU B 205 1.64 3.81 -5.63
N PHE B 206 0.47 4.36 -5.35
CA PHE B 206 -0.60 4.37 -6.34
C PHE B 206 -0.50 5.51 -7.37
N SER B 207 0.43 6.44 -7.16
CA SER B 207 0.62 7.57 -8.10
C SER B 207 2.01 7.50 -8.72
N PRO B 208 2.10 7.59 -10.05
CA PRO B 208 3.44 7.47 -10.66
C PRO B 208 4.41 8.63 -10.29
N SER B 209 3.88 9.69 -9.72
CA SER B 209 4.62 10.91 -9.42
C SER B 209 5.75 10.75 -8.39
N PRO B 210 6.70 11.70 -8.38
CA PRO B 210 7.85 11.55 -7.49
C PRO B 210 7.51 11.69 -6.00
N SER B 211 8.22 10.93 -5.17
CA SER B 211 8.05 11.00 -3.73
C SER B 211 8.72 12.22 -3.12
N ALA B 212 8.19 12.68 -2.00
CA ALA B 212 8.81 13.75 -1.24
C ALA B 212 10.14 13.32 -0.63
N THR B 213 10.47 12.03 -0.68
CA THR B 213 11.82 11.59 -0.28
C THR B 213 12.91 12.30 -1.12
N THR B 214 12.56 12.67 -2.35
CA THR B 214 13.47 13.47 -3.19
C THR B 214 13.73 14.89 -2.65
N LEU B 215 12.98 15.34 -1.65
CA LEU B 215 13.21 16.65 -1.03
C LEU B 215 13.95 16.57 0.32
N LEU B 216 14.29 15.36 0.77
CA LEU B 216 14.90 15.19 2.09
C LEU B 216 16.30 15.81 2.20
N GLU B 217 17.03 15.80 1.11
CA GLU B 217 18.39 16.35 1.13
C GLU B 217 18.36 17.85 1.32
N LYS B 218 17.40 18.50 0.68
CA LYS B 218 17.31 19.95 0.69
C LYS B 218 16.73 20.49 2.00
N TYR B 219 15.88 19.71 2.67
CA TYR B 219 15.20 20.16 3.88
C TYR B 219 15.34 19.20 5.08
N PRO B 220 16.59 18.86 5.45
CA PRO B 220 16.84 17.86 6.48
C PRO B 220 16.30 18.19 7.87
N THR B 221 16.16 19.47 8.22
CA THR B 221 15.67 19.84 9.56
C THR B 221 14.15 19.99 9.66
N LYS B 222 13.44 19.85 8.54
CA LYS B 222 11.99 20.08 8.51
C LYS B 222 11.15 18.88 8.04
N LEU B 223 11.61 18.14 7.04
CA LEU B 223 10.76 17.18 6.33
C LEU B 223 10.86 15.76 6.88
N VAL B 224 9.69 15.16 7.13
CA VAL B 224 9.59 13.75 7.47
C VAL B 224 8.59 13.15 6.48
N VAL B 225 8.91 12.01 5.86
CA VAL B 225 7.98 11.39 4.91
C VAL B 225 7.45 10.11 5.55
N SER B 226 6.14 10.08 5.77
CA SER B 226 5.46 8.94 6.36
C SER B 226 4.90 8.02 5.29
N ARG B 227 5.06 6.72 5.53
CA ARG B 227 4.67 5.69 4.58
C ARG B 227 4.05 4.50 5.33
N THR B 228 3.40 3.60 4.59
CA THR B 228 2.82 2.43 5.24
C THR B 228 2.85 1.19 4.35
N MET B 229 2.75 0.04 5.02
CA MET B 229 2.59 -1.23 4.33
C MET B 229 1.12 -1.67 4.22
N SER B 230 0.20 -0.83 4.68
CA SER B 230 -1.23 -1.21 4.76
C SER B 230 -2.05 -1.10 3.48
N LYS B 231 -1.55 -0.35 2.50
CA LYS B 231 -2.36 0.00 1.34
C LYS B 231 -1.82 -0.75 0.12
N ALA B 232 -1.06 -0.11 -0.76
CA ALA B 232 -0.54 -0.83 -1.94
C ALA B 232 0.24 -2.08 -1.54
N PHE B 233 0.97 -1.97 -0.44
CA PHE B 233 1.82 -3.08 0.05
C PHE B 233 1.04 -4.28 0.61
N ASP B 234 -0.30 -4.20 0.65
CA ASP B 234 -1.12 -5.40 0.78
C ASP B 234 -0.84 -6.12 2.10
N PHE B 235 -0.61 -5.32 3.16
CA PHE B 235 -0.19 -5.86 4.44
C PHE B 235 -0.78 -5.10 5.64
N ALA B 236 -2.01 -4.62 5.50
CA ALA B 236 -2.68 -3.93 6.59
C ALA B 236 -2.67 -4.74 7.89
N GLY B 237 -2.90 -6.05 7.79
CA GLY B 237 -2.98 -6.93 8.97
C GLY B 237 -1.66 -7.00 9.74
N GLY B 238 -0.56 -6.69 9.06
CA GLY B 238 0.76 -6.66 9.67
C GLY B 238 1.09 -5.40 10.47
N ARG B 239 0.25 -4.37 10.38
CA ARG B 239 0.44 -3.11 11.12
C ARG B 239 1.88 -2.60 11.09
N LEU B 240 2.34 -2.19 9.91
CA LEU B 240 3.72 -1.71 9.77
C LEU B 240 3.75 -0.40 9.02
N GLY B 241 3.95 0.67 9.77
CA GLY B 241 4.17 1.98 9.21
C GLY B 241 5.60 2.41 9.44
N TYR B 242 6.03 3.41 8.67
CA TYR B 242 7.40 3.86 8.78
C TYR B 242 7.57 5.28 8.24
N PHE B 243 8.69 5.88 8.60
CA PHE B 243 9.03 7.18 8.02
C PHE B 243 10.45 7.21 7.50
N VAL B 244 10.70 8.13 6.59
CA VAL B 244 12.01 8.35 5.99
C VAL B 244 12.35 9.82 6.28
N ALA B 245 13.52 10.05 6.85
CA ALA B 245 13.97 11.38 7.23
C ALA B 245 15.48 11.37 7.48
N ASN B 246 16.00 12.55 7.82
CA ASN B 246 17.37 12.67 8.34
C ASN B 246 17.52 11.84 9.61
N PRO B 247 18.67 11.17 9.80
CA PRO B 247 18.89 10.35 10.99
C PRO B 247 18.59 11.03 12.33
N ALA B 248 18.71 12.35 12.36
CA ALA B 248 18.40 13.10 13.57
C ALA B 248 16.97 12.84 14.06
N PHE B 249 16.04 12.59 13.14
CA PHE B 249 14.66 12.25 13.52
C PHE B 249 14.53 10.87 14.19
N ILE B 250 15.38 9.91 13.81
CA ILE B 250 15.36 8.61 14.50
C ILE B 250 15.74 8.86 15.95
N ASP B 251 16.78 9.67 16.15
CA ASP B 251 17.20 10.02 17.50
C ASP B 251 16.06 10.63 18.29
N ALA B 252 15.29 11.51 17.66
CA ALA B 252 14.17 12.16 18.30
C ALA B 252 13.10 11.15 18.73
N VAL B 253 12.67 10.27 17.82
CA VAL B 253 11.56 9.36 18.18
C VAL B 253 11.97 8.28 19.16
N MET B 254 13.27 8.00 19.25
CA MET B 254 13.74 7.02 20.24
C MET B 254 13.54 7.51 21.66
N LEU B 255 13.40 8.82 21.83
CA LEU B 255 13.08 9.38 23.14
C LEU B 255 11.62 9.20 23.56
N VAL B 256 10.71 8.94 22.63
CA VAL B 256 9.27 8.83 22.93
C VAL B 256 8.63 7.45 22.63
N ARG B 257 9.26 6.66 21.78
CA ARG B 257 8.72 5.33 21.44
C ARG B 257 8.71 4.43 22.65
N LEU B 258 7.70 3.57 22.75
CA LEU B 258 7.63 2.61 23.82
C LEU B 258 8.71 1.58 23.55
N PRO B 259 9.51 1.25 24.58
CA PRO B 259 10.55 0.26 24.31
C PRO B 259 9.99 -1.08 23.88
N TYR B 260 10.59 -1.65 22.84
CA TYR B 260 10.17 -2.93 22.25
C TYR B 260 8.76 -2.83 21.67
N HIS B 261 8.43 -1.67 21.12
CA HIS B 261 7.10 -1.45 20.55
C HIS B 261 6.76 -2.35 19.39
N LEU B 262 7.77 -2.84 18.68
CA LEU B 262 7.55 -3.67 17.52
C LEU B 262 7.87 -5.15 17.85
N SER B 263 6.86 -6.01 17.75
CA SER B 263 7.03 -7.43 18.09
C SER B 263 7.95 -8.17 17.14
N ALA B 264 8.42 -9.34 17.58
CA ALA B 264 9.30 -10.19 16.79
C ALA B 264 8.62 -10.60 15.49
N LEU B 265 7.35 -11.00 15.60
CA LEU B 265 6.60 -11.45 14.43
C LEU B 265 6.29 -10.28 13.51
N SER B 266 5.97 -9.11 14.06
CA SER B 266 5.75 -7.94 13.21
C SER B 266 6.99 -7.61 12.38
N GLN B 267 8.16 -7.66 13.01
CA GLN B 267 9.39 -7.36 12.29
C GLN B 267 9.68 -8.42 11.24
N ALA B 268 9.57 -9.69 11.62
CA ALA B 268 9.88 -10.78 10.71
C ALA B 268 8.89 -10.84 9.55
N ALA B 269 7.61 -10.63 9.83
CA ALA B 269 6.60 -10.69 8.78
C ALA B 269 6.77 -9.56 7.75
N ALA B 270 7.04 -8.35 8.24
CA ALA B 270 7.30 -7.21 7.38
C ALA B 270 8.54 -7.45 6.49
N ILE B 271 9.58 -8.06 7.08
CA ILE B 271 10.79 -8.41 6.32
C ILE B 271 10.45 -9.37 5.18
N VAL B 272 9.65 -10.39 5.48
CA VAL B 272 9.20 -11.33 4.47
C VAL B 272 8.45 -10.59 3.37
N ALA B 273 7.49 -9.76 3.76
CA ALA B 273 6.73 -8.98 2.79
C ALA B 273 7.65 -8.16 1.90
N LEU B 274 8.66 -7.53 2.49
CA LEU B 274 9.56 -6.65 1.76
C LEU B 274 10.35 -7.40 0.68
N ARG B 275 10.69 -8.65 0.94
CA ARG B 275 11.43 -9.41 -0.04
C ARG B 275 10.56 -9.91 -1.18
N HIS B 276 9.24 -9.78 -1.05
CA HIS B 276 8.32 -10.10 -2.15
C HIS B 276 7.65 -8.86 -2.78
N SER B 277 8.24 -7.68 -2.57
CA SER B 277 7.59 -6.40 -2.94
C SER B 277 7.26 -6.24 -4.41
N ALA B 278 8.20 -6.63 -5.28
CA ALA B 278 8.03 -6.46 -6.73
C ALA B 278 6.78 -7.22 -7.21
N ASP B 279 6.64 -8.47 -6.76
CA ASP B 279 5.47 -9.26 -7.11
C ASP B 279 4.19 -8.65 -6.56
N THR B 280 4.21 -8.32 -5.27
CA THR B 280 3.02 -7.81 -4.59
C THR B 280 2.54 -6.49 -5.20
N LEU B 281 3.49 -5.57 -5.36
CA LEU B 281 3.19 -4.24 -5.91
C LEU B 281 2.84 -4.25 -7.40
N GLY B 282 2.98 -5.40 -8.05
CA GLY B 282 2.41 -5.60 -9.39
C GLY B 282 0.90 -5.33 -9.43
N THR B 283 0.22 -5.56 -8.32
CA THR B 283 -1.21 -5.35 -8.25
C THR B 283 -1.60 -3.87 -8.42
N VAL B 284 -0.67 -2.96 -8.19
CA VAL B 284 -0.93 -1.52 -8.31
C VAL B 284 -1.41 -1.17 -9.73
N GLU B 285 -0.87 -1.85 -10.73
CA GLU B 285 -1.22 -1.54 -12.12
C GLU B 285 -2.70 -1.83 -12.38
N LYS B 286 -3.16 -2.99 -11.96
CA LYS B 286 -4.55 -3.36 -12.16
C LYS B 286 -5.47 -2.46 -11.34
N LEU B 287 -5.10 -2.20 -10.09
CA LEU B 287 -5.89 -1.31 -9.22
C LEU B 287 -6.04 0.10 -9.80
N SER B 288 -4.95 0.62 -10.37
CA SER B 288 -4.96 1.96 -10.92
C SER B 288 -5.87 2.09 -12.14
N VAL B 289 -5.88 1.08 -13.01
CA VAL B 289 -6.76 1.07 -14.19
C VAL B 289 -8.21 0.83 -13.79
N GLU B 290 -8.45 -0.04 -12.80
CA GLU B 290 -9.81 -0.23 -12.28
C GLU B 290 -10.32 1.06 -11.66
N ARG B 291 -9.44 1.80 -11.01
CA ARG B 291 -9.86 3.09 -10.44
C ARG B 291 -10.33 4.00 -11.56
N VAL B 292 -9.61 4.03 -12.65
CA VAL B 292 -9.99 4.89 -13.78
C VAL B 292 -11.36 4.45 -14.31
N ARG B 293 -11.55 3.14 -14.44
CA ARG B 293 -12.80 2.57 -14.94
C ARG B 293 -13.96 2.91 -14.02
N VAL B 294 -13.74 2.74 -12.72
CA VAL B 294 -14.77 3.02 -11.74
C VAL B 294 -15.17 4.51 -11.75
N ALA B 295 -14.19 5.41 -11.73
CA ALA B 295 -14.46 6.84 -11.73
C ALA B 295 -15.17 7.27 -13.02
N ALA B 296 -14.75 6.72 -14.16
CA ALA B 296 -15.41 7.01 -15.44
C ALA B 296 -16.88 6.56 -15.45
N ARG B 297 -17.16 5.37 -14.93
CA ARG B 297 -18.54 4.89 -14.87
C ARG B 297 -19.40 5.75 -13.93
N LEU B 298 -18.84 6.12 -12.77
CA LEU B 298 -19.57 7.00 -11.84
C LEU B 298 -19.96 8.32 -12.52
N GLU B 299 -19.02 8.89 -13.25
CA GLU B 299 -19.29 10.10 -14.03
C GLU B 299 -20.34 9.91 -15.11
N GLU B 300 -20.23 8.82 -15.86
CA GLU B 300 -21.20 8.48 -16.90
C GLU B 300 -22.59 8.34 -16.30
N LEU B 301 -22.66 7.71 -15.13
CA LEU B 301 -23.91 7.57 -14.41
C LEU B 301 -24.53 8.91 -13.96
N GLY B 302 -23.70 9.92 -13.73
CA GLY B 302 -24.17 11.24 -13.35
C GLY B 302 -23.64 11.76 -12.02
N TYR B 303 -22.75 11.00 -11.37
CA TYR B 303 -22.17 11.44 -10.11
C TYR B 303 -21.10 12.49 -10.34
N ALA B 304 -20.87 13.31 -9.32
CA ALA B 304 -19.71 14.18 -9.23
C ALA B 304 -18.54 13.41 -8.64
N VAL B 305 -17.45 13.33 -9.39
CA VAL B 305 -16.28 12.57 -8.98
C VAL B 305 -15.07 13.48 -8.95
N VAL B 306 -14.35 13.46 -7.82
CA VAL B 306 -13.08 14.16 -7.69
C VAL B 306 -11.96 13.33 -8.34
N PRO B 307 -11.19 13.94 -9.27
CA PRO B 307 -10.11 13.17 -9.92
C PRO B 307 -9.10 12.65 -8.92
N SER B 308 -8.86 11.34 -8.96
CA SER B 308 -8.06 10.64 -7.97
C SER B 308 -6.80 10.04 -8.58
N GLU B 309 -5.75 9.99 -7.78
CA GLU B 309 -4.51 9.30 -8.12
C GLU B 309 -4.18 8.23 -7.06
N SER B 310 -5.22 7.69 -6.41
CA SER B 310 -5.01 6.71 -5.36
C SER B 310 -5.83 5.46 -5.62
N ASN B 311 -6.05 4.64 -4.59
CA ASN B 311 -6.86 3.42 -4.75
C ASN B 311 -8.27 3.62 -4.23
N PHE B 312 -8.79 4.85 -4.35
CA PHE B 312 -10.16 5.11 -3.96
C PHE B 312 -10.70 6.29 -4.73
N VAL B 313 -12.01 6.44 -4.71
CA VAL B 313 -12.68 7.50 -5.43
C VAL B 313 -13.64 8.17 -4.49
N PHE B 314 -13.65 9.49 -4.52
CA PHE B 314 -14.46 10.32 -3.68
C PHE B 314 -15.51 10.93 -4.60
N PHE B 315 -16.78 10.72 -4.28
CA PHE B 315 -17.87 11.07 -5.18
C PHE B 315 -19.12 11.55 -4.45
N GLY B 316 -19.99 12.23 -5.17
CA GLY B 316 -21.17 12.89 -4.62
C GLY B 316 -22.14 13.11 -5.75
N ASP B 317 -23.18 13.94 -5.59
CA ASP B 317 -23.40 14.77 -4.41
C ASP B 317 -24.77 14.44 -3.81
N PHE B 318 -24.78 13.76 -2.67
CA PHE B 318 -26.03 13.29 -2.04
C PHE B 318 -26.64 14.33 -1.11
N SER B 319 -27.97 14.37 -1.05
CA SER B 319 -28.67 15.17 -0.03
C SER B 319 -28.33 14.68 1.36
N ASP B 320 -28.27 13.36 1.51
CA ASP B 320 -27.91 12.73 2.77
C ASP B 320 -26.98 11.57 2.44
N GLN B 321 -25.69 11.80 2.61
CA GLN B 321 -24.70 10.79 2.24
C GLN B 321 -24.79 9.54 3.13
N HIS B 322 -25.24 9.71 4.38
CA HIS B 322 -25.43 8.55 5.24
C HIS B 322 -26.55 7.64 4.73
N ALA B 323 -27.59 8.24 4.16
CA ALA B 323 -28.67 7.47 3.56
C ALA B 323 -28.15 6.72 2.34
N ALA B 324 -27.35 7.40 1.53
CA ALA B 324 -26.72 6.77 0.37
C ALA B 324 -25.82 5.62 0.81
N TRP B 325 -25.07 5.84 1.88
CA TRP B 325 -24.20 4.81 2.43
C TRP B 325 -24.99 3.56 2.85
N GLN B 326 -26.11 3.78 3.53
CA GLN B 326 -26.99 2.66 3.90
C GLN B 326 -27.59 1.95 2.68
N ALA B 327 -27.87 2.71 1.61
CA ALA B 327 -28.35 2.11 0.36
C ALA B 327 -27.30 1.21 -0.27
N PHE B 328 -26.03 1.60 -0.20
CA PHE B 328 -24.96 0.72 -0.66
C PHE B 328 -24.87 -0.51 0.24
N LEU B 329 -24.91 -0.31 1.54
CA LEU B 329 -24.87 -1.42 2.50
C LEU B 329 -25.99 -2.44 2.24
N ASP B 330 -27.20 -1.92 2.03
CA ASP B 330 -28.38 -2.75 1.74
C ASP B 330 -28.20 -3.65 0.51
N ARG B 331 -27.36 -3.20 -0.42
CA ARG B 331 -27.03 -3.94 -1.64
C ARG B 331 -25.74 -4.77 -1.51
N GLY B 332 -25.24 -4.91 -0.30
CA GLY B 332 -24.11 -5.78 -0.05
C GLY B 332 -22.75 -5.16 -0.27
N VAL B 333 -22.70 -3.82 -0.27
CA VAL B 333 -21.46 -3.10 -0.59
C VAL B 333 -21.16 -2.09 0.52
N LEU B 334 -20.07 -2.32 1.25
CA LEU B 334 -19.64 -1.43 2.31
C LEU B 334 -18.56 -0.46 1.82
N ILE B 335 -18.91 0.82 1.75
CA ILE B 335 -17.96 1.87 1.44
C ILE B 335 -17.81 2.78 2.69
N ARG B 336 -17.17 3.94 2.55
CA ARG B 336 -16.83 4.75 3.71
C ARG B 336 -17.60 6.06 3.70
N ASP B 337 -18.28 6.33 4.81
CA ASP B 337 -18.82 7.67 5.06
C ASP B 337 -17.72 8.37 5.84
N VAL B 338 -17.02 9.27 5.17
CA VAL B 338 -15.90 10.00 5.79
C VAL B 338 -16.36 11.28 6.50
N GLY B 339 -17.67 11.39 6.72
CA GLY B 339 -18.23 12.51 7.47
C GLY B 339 -18.20 13.83 6.71
N ILE B 340 -18.22 13.75 5.39
CA ILE B 340 -18.22 14.94 4.54
C ILE B 340 -19.56 15.03 3.84
N ALA B 341 -20.26 16.13 4.06
CA ALA B 341 -21.59 16.32 3.51
C ALA B 341 -21.62 16.03 2.03
N GLY B 342 -22.61 15.25 1.60
CA GLY B 342 -22.81 14.97 0.18
C GLY B 342 -21.91 13.93 -0.48
N HIS B 343 -20.87 13.47 0.22
CA HIS B 343 -19.85 12.62 -0.42
C HIS B 343 -19.59 11.30 0.29
N LEU B 344 -19.16 10.30 -0.47
CA LEU B 344 -18.70 9.01 0.09
C LEU B 344 -17.39 8.64 -0.60
N ARG B 345 -16.65 7.72 0.01
CA ARG B 345 -15.38 7.26 -0.55
C ARG B 345 -15.44 5.75 -0.73
N THR B 346 -15.17 5.30 -1.95
CA THR B 346 -15.13 3.88 -2.28
C THR B 346 -13.70 3.46 -2.59
N THR B 347 -13.26 2.38 -1.96
CA THR B 347 -11.99 1.73 -2.25
C THR B 347 -12.16 0.89 -3.51
N ILE B 348 -11.10 0.84 -4.31
CA ILE B 348 -11.09 0.04 -5.51
C ILE B 348 -10.77 -1.40 -5.13
N GLY B 349 -11.63 -2.33 -5.53
CA GLY B 349 -11.41 -3.76 -5.22
C GLY B 349 -10.97 -4.56 -6.44
N VAL B 350 -11.20 -5.88 -6.39
CA VAL B 350 -11.03 -6.69 -7.60
C VAL B 350 -12.17 -6.39 -8.56
N PRO B 351 -11.98 -6.67 -9.86
CA PRO B 351 -13.01 -6.25 -10.82
C PRO B 351 -14.44 -6.66 -10.50
N GLU B 352 -14.65 -7.87 -9.99
CA GLU B 352 -15.96 -8.35 -9.63
C GLU B 352 -16.57 -7.47 -8.50
N GLU B 353 -15.72 -7.03 -7.56
CA GLU B 353 -16.18 -6.12 -6.49
C GLU B 353 -16.52 -4.74 -7.04
N ASN B 354 -15.67 -4.23 -7.92
CA ASN B 354 -15.93 -2.94 -8.55
C ASN B 354 -17.20 -2.98 -9.37
N ASP B 355 -17.44 -4.09 -10.06
CA ASP B 355 -18.70 -4.24 -10.81
C ASP B 355 -19.92 -4.22 -9.88
N ALA B 356 -19.82 -4.90 -8.73
CA ALA B 356 -20.91 -4.87 -7.75
C ALA B 356 -21.13 -3.45 -7.22
N PHE B 357 -20.06 -2.76 -6.91
CA PHE B 357 -20.17 -1.35 -6.49
C PHE B 357 -20.89 -0.50 -7.57
N LEU B 358 -20.48 -0.64 -8.82
CA LEU B 358 -21.06 0.15 -9.91
C LEU B 358 -22.51 -0.22 -10.21
N ASP B 359 -22.85 -1.50 -10.09
CA ASP B 359 -24.24 -1.94 -10.24
C ASP B 359 -25.08 -1.22 -9.16
N ALA B 360 -24.60 -1.23 -7.91
CA ALA B 360 -25.31 -0.56 -6.81
C ALA B 360 -25.41 0.95 -7.05
N ALA B 361 -24.30 1.55 -7.44
CA ALA B 361 -24.27 2.99 -7.73
C ALA B 361 -25.28 3.37 -8.82
N ALA B 362 -25.47 2.50 -9.80
CA ALA B 362 -26.40 2.77 -10.91
C ALA B 362 -27.86 2.77 -10.40
N GLU B 363 -28.18 1.86 -9.49
CA GLU B 363 -29.50 1.81 -8.85
C GLU B 363 -29.69 3.02 -7.95
N ILE B 364 -28.66 3.37 -7.21
CA ILE B 364 -28.77 4.34 -6.14
C ILE B 364 -28.93 5.78 -6.69
N ILE B 365 -28.29 6.09 -7.81
CA ILE B 365 -28.43 7.43 -8.37
C ILE B 365 -29.91 7.74 -8.69
N LYS B 366 -30.67 6.71 -9.05
CA LYS B 366 -32.09 6.89 -9.39
C LYS B 366 -32.97 7.16 -8.18
N LEU B 367 -32.46 6.85 -6.99
CA LEU B 367 -33.20 7.06 -5.76
C LEU B 367 -33.14 8.51 -5.29
N ASN B 368 -32.21 9.28 -5.86
CA ASN B 368 -31.99 10.67 -5.48
C ASN B 368 -31.91 10.90 -3.96
N LEU B 369 -30.90 10.28 -3.33
CA LEU B 369 -30.74 10.35 -1.89
C LEU B 369 -29.82 11.48 -1.45
N LYS C 6 -17.04 -25.71 -10.30
CA LYS C 6 -16.45 -24.45 -10.71
C LYS C 6 -15.14 -24.68 -11.47
N ILE C 7 -15.04 -24.17 -12.69
CA ILE C 7 -13.90 -24.47 -13.57
C ILE C 7 -13.28 -23.19 -14.15
N THR C 8 -12.08 -23.33 -14.69
CA THR C 8 -11.33 -22.22 -15.25
C THR C 8 -10.67 -22.66 -16.55
N LEU C 9 -9.98 -21.73 -17.20
CA LEU C 9 -9.37 -21.99 -18.50
C LEU C 9 -8.28 -23.08 -18.47
N SER C 10 -7.70 -23.30 -17.28
CA SER C 10 -6.74 -24.39 -17.08
C SER C 10 -7.38 -25.76 -17.21
N ASP C 11 -8.68 -25.82 -16.94
CA ASP C 11 -9.45 -27.06 -17.03
C ASP C 11 -9.87 -27.46 -18.46
N LEU C 12 -9.72 -26.57 -19.43
CA LEU C 12 -10.12 -26.87 -20.80
C LEU C 12 -8.96 -27.41 -21.63
N PRO C 13 -9.26 -28.27 -22.61
CA PRO C 13 -8.24 -28.76 -23.54
C PRO C 13 -7.68 -27.72 -24.52
N LEU C 14 -7.38 -26.52 -24.01
CA LEU C 14 -6.82 -25.45 -24.80
C LEU C 14 -5.47 -25.85 -25.39
N ARG C 15 -5.18 -25.39 -26.59
CA ARG C 15 -3.86 -25.61 -27.15
C ARG C 15 -2.83 -25.04 -26.19
N GLU C 16 -1.73 -25.79 -26.00
CA GLU C 16 -0.72 -25.43 -25.00
C GLU C 16 0.00 -24.12 -25.35
N GLU C 17 0.14 -23.82 -26.63
CA GLU C 17 0.76 -22.56 -27.07
C GLU C 17 -0.06 -21.31 -26.74
N LEU C 18 -1.31 -21.49 -26.33
CA LEU C 18 -2.18 -20.39 -25.91
C LEU C 18 -2.17 -20.22 -24.40
N ARG C 19 -1.59 -21.19 -23.68
CA ARG C 19 -1.47 -21.09 -22.22
C ARG C 19 -0.71 -19.83 -21.82
N GLY C 20 -1.23 -19.12 -20.83
CA GLY C 20 -0.60 -17.91 -20.33
C GLY C 20 -0.64 -16.71 -21.28
N GLU C 21 -1.30 -16.85 -22.43
CA GLU C 21 -1.47 -15.72 -23.35
C GLU C 21 -2.56 -14.80 -22.83
N HIS C 22 -2.63 -13.61 -23.41
CA HIS C 22 -3.62 -12.62 -23.01
C HIS C 22 -4.32 -12.08 -24.24
N ALA C 23 -5.59 -11.70 -24.10
CA ALA C 23 -6.34 -11.17 -25.23
C ALA C 23 -5.71 -9.86 -25.66
N TYR C 24 -5.66 -9.63 -26.97
CA TYR C 24 -5.14 -8.39 -27.52
C TYR C 24 -6.18 -7.28 -27.47
N GLY C 25 -5.73 -6.05 -27.27
CA GLY C 25 -6.57 -4.88 -27.41
C GLY C 25 -6.33 -3.84 -26.34
N ALA C 26 -6.36 -2.56 -26.72
CA ALA C 26 -6.17 -1.47 -25.76
C ALA C 26 -7.26 -1.49 -24.68
N PRO C 27 -6.94 -1.04 -23.45
CA PRO C 27 -7.94 -0.94 -22.39
C PRO C 27 -9.13 -0.12 -22.85
N GLN C 28 -10.34 -0.64 -22.64
CA GLN C 28 -11.52 0.05 -23.08
C GLN C 28 -11.98 0.96 -21.96
N LEU C 29 -11.26 2.06 -21.79
CA LEU C 29 -11.49 2.99 -20.69
C LEU C 29 -12.15 4.25 -21.22
N ASN C 30 -13.33 4.56 -20.70
CA ASN C 30 -14.18 5.60 -21.26
C ASN C 30 -13.88 6.95 -20.60
N VAL C 31 -12.61 7.37 -20.68
CA VAL C 31 -12.20 8.67 -20.18
C VAL C 31 -12.51 9.74 -21.24
N ASP C 32 -12.33 11.01 -20.89
CA ASP C 32 -12.82 12.10 -21.74
C ASP C 32 -12.03 12.25 -23.03
N ILE C 33 -10.71 12.01 -22.97
CA ILE C 33 -9.82 12.22 -24.10
C ILE C 33 -9.20 10.88 -24.52
N ARG C 34 -9.71 10.30 -25.60
CA ARG C 34 -9.24 9.00 -26.08
C ARG C 34 -8.44 9.17 -27.35
N LEU C 35 -7.15 8.93 -27.26
CA LEU C 35 -6.17 9.17 -28.31
C LEU C 35 -5.24 7.96 -28.44
N ASN C 36 -5.83 6.77 -28.54
CA ASN C 36 -5.06 5.53 -28.42
C ASN C 36 -5.21 4.47 -29.50
N THR C 37 -6.13 4.63 -30.43
CA THR C 37 -6.34 3.61 -31.44
C THR C 37 -6.31 4.13 -32.89
N ASN C 38 -5.82 5.36 -33.06
CA ASN C 38 -5.59 5.96 -34.39
C ASN C 38 -6.86 6.16 -35.20
N GLU C 39 -7.97 6.29 -34.47
CA GLU C 39 -9.24 6.64 -35.05
C GLU C 39 -9.21 8.07 -35.51
N ASN C 40 -9.91 8.33 -36.61
CA ASN C 40 -10.25 9.67 -37.00
C ASN C 40 -11.26 10.19 -35.98
N PRO C 41 -10.97 11.32 -35.34
CA PRO C 41 -11.81 11.84 -34.27
C PRO C 41 -13.10 12.47 -34.74
N TYR C 42 -13.24 12.77 -36.03
CA TYR C 42 -14.43 13.43 -36.53
C TYR C 42 -15.59 12.45 -36.71
N PRO C 43 -16.78 12.81 -36.23
CA PRO C 43 -17.93 11.92 -36.47
C PRO C 43 -18.28 11.90 -37.94
N PRO C 44 -18.86 10.78 -38.44
CA PRO C 44 -19.33 10.75 -39.81
C PRO C 44 -20.24 11.93 -40.15
N SER C 45 -20.17 12.40 -41.39
CA SER C 45 -20.90 13.61 -41.79
C SER C 45 -22.40 13.39 -41.77
N GLU C 46 -23.15 14.48 -41.62
CA GLU C 46 -24.62 14.43 -41.64
C GLU C 46 -25.12 13.82 -42.94
N ALA C 47 -24.46 14.18 -44.04
CA ALA C 47 -24.81 13.66 -45.36
C ALA C 47 -24.60 12.16 -45.42
N LEU C 48 -23.42 11.72 -44.99
CA LEU C 48 -23.12 10.28 -44.94
C LEU C 48 -24.17 9.53 -44.11
N VAL C 49 -24.48 10.00 -42.90
CA VAL C 49 -25.44 9.33 -42.03
C VAL C 49 -26.83 9.24 -42.69
N ALA C 50 -27.31 10.35 -43.23
CA ALA C 50 -28.58 10.38 -43.95
C ALA C 50 -28.62 9.32 -45.05
N ASP C 51 -27.54 9.25 -45.82
CA ASP C 51 -27.45 8.29 -46.90
C ASP C 51 -27.48 6.86 -46.37
N LEU C 52 -26.67 6.59 -45.34
CA LEU C 52 -26.65 5.28 -44.68
C LEU C 52 -28.04 4.84 -44.17
N VAL C 53 -28.71 5.75 -43.48
CA VAL C 53 -30.03 5.46 -42.93
C VAL C 53 -31.04 5.10 -44.04
N ALA C 54 -31.02 5.85 -45.13
CA ALA C 54 -31.85 5.60 -46.33
C ALA C 54 -31.49 4.27 -47.00
N THR C 55 -30.21 3.96 -47.01
CA THR C 55 -29.73 2.72 -47.61
C THR C 55 -30.21 1.55 -46.78
N VAL C 56 -30.13 1.68 -45.46
CA VAL C 56 -30.56 0.61 -44.56
C VAL C 56 -32.06 0.37 -44.67
N ASP C 57 -32.84 1.45 -44.74
CA ASP C 57 -34.29 1.34 -44.92
C ASP C 57 -34.58 0.60 -46.22
N LYS C 58 -33.77 0.84 -47.24
CA LYS C 58 -33.94 0.22 -48.55
C LYS C 58 -33.59 -1.27 -48.55
N ILE C 59 -32.48 -1.66 -47.91
CA ILE C 59 -31.99 -3.04 -47.99
C ILE C 59 -32.35 -3.95 -46.82
N ALA C 60 -32.88 -3.38 -45.75
CA ALA C 60 -33.25 -4.15 -44.56
C ALA C 60 -34.20 -5.30 -44.86
N THR C 61 -35.07 -5.13 -45.85
CA THR C 61 -36.07 -6.16 -46.17
C THR C 61 -35.48 -7.41 -46.83
N GLU C 62 -34.19 -7.39 -47.13
CA GLU C 62 -33.51 -8.57 -47.66
C GLU C 62 -32.55 -9.23 -46.67
N LEU C 63 -32.59 -8.80 -45.41
CA LEU C 63 -31.64 -9.30 -44.40
C LEU C 63 -31.84 -10.76 -43.97
N ASN C 64 -32.96 -11.35 -44.38
CA ASN C 64 -33.19 -12.78 -44.19
C ASN C 64 -32.32 -13.58 -45.13
N ARG C 65 -31.85 -12.95 -46.22
CA ARG C 65 -31.01 -13.65 -47.20
C ARG C 65 -29.53 -13.48 -46.92
N TYR C 66 -28.75 -14.48 -47.31
CA TYR C 66 -27.29 -14.34 -47.23
C TYR C 66 -26.89 -13.14 -48.09
N PRO C 67 -25.80 -12.46 -47.72
CA PRO C 67 -25.29 -11.35 -48.51
C PRO C 67 -24.66 -11.83 -49.79
N GLU C 68 -24.38 -10.89 -50.69
CA GLU C 68 -23.67 -11.26 -51.91
C GLU C 68 -22.29 -11.72 -51.47
N ARG C 69 -21.96 -12.96 -51.81
CA ARG C 69 -20.83 -13.63 -51.22
C ARG C 69 -19.49 -12.99 -51.63
N ASP C 70 -19.40 -12.53 -52.88
CA ASP C 70 -18.14 -12.00 -53.39
C ASP C 70 -18.03 -10.47 -53.30
N ALA C 71 -19.03 -9.79 -52.73
CA ALA C 71 -18.97 -8.33 -52.47
C ALA C 71 -18.57 -7.54 -53.70
N VAL C 72 -19.17 -7.88 -54.83
CA VAL C 72 -18.73 -7.34 -56.11
C VAL C 72 -18.90 -5.83 -56.22
N GLU C 73 -20.07 -5.32 -55.80
CA GLU C 73 -20.34 -3.89 -55.85
C GLU C 73 -19.37 -3.12 -54.96
N LEU C 74 -19.16 -3.60 -53.74
CA LEU C 74 -18.21 -2.95 -52.84
C LEU C 74 -16.83 -2.88 -53.49
N ARG C 75 -16.40 -3.99 -54.06
CA ARG C 75 -15.10 -4.06 -54.69
C ARG C 75 -14.95 -3.13 -55.90
N ASP C 76 -16.05 -2.94 -56.65
CA ASP C 76 -16.11 -1.90 -57.71
C ASP C 76 -15.82 -0.52 -57.17
N GLU C 77 -16.47 -0.17 -56.06
CA GLU C 77 -16.32 1.14 -55.48
C GLU C 77 -14.98 1.34 -54.79
N LEU C 78 -14.44 0.28 -54.18
CA LEU C 78 -13.10 0.34 -53.62
C LEU C 78 -12.07 0.56 -54.75
N ALA C 79 -12.29 -0.12 -55.88
CA ALA C 79 -11.41 0.04 -57.04
C ALA C 79 -11.46 1.45 -57.60
N ALA C 80 -12.64 2.07 -57.59
CA ALA C 80 -12.79 3.44 -58.08
C ALA C 80 -12.08 4.41 -57.14
N TYR C 81 -12.15 4.13 -55.84
CA TYR C 81 -11.41 4.92 -54.87
C TYR C 81 -9.91 4.80 -55.08
N ILE C 82 -9.38 3.58 -55.20
CA ILE C 82 -7.93 3.36 -55.31
C ILE C 82 -7.36 3.90 -56.63
N THR C 83 -8.14 3.76 -57.70
CA THR C 83 -7.75 4.34 -59.00
C THR C 83 -7.52 5.84 -58.89
N LYS C 84 -8.47 6.55 -58.28
CA LYS C 84 -8.36 7.99 -58.07
C LYS C 84 -7.30 8.37 -57.03
N GLN C 85 -7.35 7.71 -55.88
CA GLN C 85 -6.46 8.03 -54.76
C GLN C 85 -4.98 7.87 -55.11
N THR C 86 -4.63 6.76 -55.76
CA THR C 86 -3.24 6.41 -55.99
C THR C 86 -2.78 6.56 -57.44
N GLY C 87 -3.71 6.90 -58.33
CA GLY C 87 -3.40 7.06 -59.75
C GLY C 87 -3.11 5.78 -60.51
N VAL C 88 -3.39 4.62 -59.91
CA VAL C 88 -3.18 3.32 -60.52
C VAL C 88 -4.52 2.69 -60.90
N ALA C 89 -4.67 2.39 -62.19
CA ALA C 89 -5.92 1.83 -62.70
C ALA C 89 -6.11 0.39 -62.23
N VAL C 90 -7.20 0.16 -61.48
CA VAL C 90 -7.61 -1.17 -61.00
C VAL C 90 -9.17 -1.35 -61.10
N THR C 91 -9.70 -2.56 -60.97
CA THR C 91 -11.15 -2.83 -61.30
C THR C 91 -11.31 -4.09 -60.41
N ARG C 92 -12.52 -4.42 -60.08
CA ARG C 92 -12.84 -5.25 -58.93
C ARG C 92 -11.99 -6.48 -58.85
N ASP C 93 -11.43 -6.85 -59.99
CA ASP C 93 -10.62 -8.03 -60.05
C ASP C 93 -9.38 -7.84 -59.18
N ASN C 94 -9.02 -6.61 -58.95
CA ASN C 94 -7.82 -6.33 -58.20
C ASN C 94 -8.07 -6.20 -56.70
N LEU C 95 -9.35 -6.13 -56.34
CA LEU C 95 -9.73 -5.76 -54.97
C LEU C 95 -10.41 -6.86 -54.21
N TRP C 96 -10.11 -6.93 -52.90
CA TRP C 96 -10.71 -7.88 -52.01
C TRP C 96 -10.98 -7.20 -50.68
N ALA C 97 -12.16 -7.43 -50.10
CA ALA C 97 -12.57 -6.80 -48.84
C ALA C 97 -12.87 -7.84 -47.79
N ALA C 98 -12.66 -7.48 -46.52
CA ALA C 98 -12.98 -8.31 -45.39
C ALA C 98 -13.25 -7.43 -44.15
N ASN C 99 -13.49 -8.08 -43.01
CA ASN C 99 -13.84 -7.39 -41.77
C ASN C 99 -12.58 -6.83 -41.09
N GLY C 100 -12.19 -5.65 -41.55
CA GLY C 100 -10.97 -4.99 -41.11
C GLY C 100 -9.74 -5.58 -41.78
N SER C 101 -8.68 -4.79 -41.84
CA SER C 101 -7.35 -5.25 -42.24
C SER C 101 -6.90 -6.44 -41.47
N ASN C 102 -7.34 -6.57 -40.22
CA ASN C 102 -7.00 -7.74 -39.44
C ASN C 102 -7.42 -9.00 -40.18
N GLU C 103 -8.66 -9.07 -40.67
CA GLU C 103 -9.13 -10.28 -41.38
C GLU C 103 -8.43 -10.44 -42.74
N ILE C 104 -8.22 -9.33 -43.44
CA ILE C 104 -7.43 -9.33 -44.69
C ILE C 104 -6.06 -10.01 -44.47
N LEU C 105 -5.38 -9.60 -43.41
CA LEU C 105 -4.03 -10.10 -43.10
C LEU C 105 -4.09 -11.57 -42.65
N GLN C 106 -5.10 -11.91 -41.84
CA GLN C 106 -5.35 -13.30 -41.48
C GLN C 106 -5.53 -14.19 -42.72
N GLN C 107 -6.30 -13.71 -43.70
CA GLN C 107 -6.57 -14.53 -44.87
C GLN C 107 -5.31 -14.69 -45.73
N LEU C 108 -4.54 -13.62 -45.88
CA LEU C 108 -3.30 -13.70 -46.69
C LEU C 108 -2.29 -14.63 -46.05
N LEU C 109 -2.20 -14.58 -44.72
CA LEU C 109 -1.38 -15.52 -43.95
C LEU C 109 -1.85 -16.97 -44.07
N GLN C 110 -3.17 -17.20 -44.12
CA GLN C 110 -3.70 -18.56 -44.26
C GLN C 110 -3.33 -19.17 -45.60
N ALA C 111 -3.36 -18.34 -46.63
CA ALA C 111 -3.11 -18.76 -48.01
C ALA C 111 -1.61 -18.84 -48.33
N PHE C 112 -0.82 -17.91 -47.80
CA PHE C 112 0.61 -17.74 -48.15
C PHE C 112 1.58 -17.93 -47.00
N GLY C 113 1.06 -18.19 -45.81
CA GLY C 113 1.87 -18.45 -44.62
C GLY C 113 1.56 -19.84 -44.14
N GLY C 114 1.34 -20.00 -42.84
CA GLY C 114 0.88 -21.26 -42.28
C GLY C 114 2.02 -22.14 -41.77
N PRO C 115 1.68 -23.30 -41.18
CA PRO C 115 2.65 -24.27 -40.65
C PRO C 115 3.80 -24.54 -41.60
N GLY C 116 5.02 -24.61 -41.05
CA GLY C 116 6.22 -24.78 -41.86
C GLY C 116 6.58 -23.59 -42.75
N ARG C 117 5.90 -22.46 -42.56
CA ARG C 117 6.25 -21.24 -43.29
C ARG C 117 6.52 -20.11 -42.30
N THR C 118 7.12 -19.03 -42.80
CA THR C 118 7.59 -17.93 -41.97
C THR C 118 7.26 -16.58 -42.55
N ALA C 119 6.88 -15.62 -41.68
CA ALA C 119 6.68 -14.24 -42.08
C ALA C 119 7.71 -13.36 -41.39
N LEU C 120 8.13 -12.30 -42.06
CA LEU C 120 9.18 -11.43 -41.57
C LEU C 120 8.75 -9.97 -41.51
N GLY C 121 9.07 -9.32 -40.40
CA GLY C 121 8.71 -7.93 -40.19
C GLY C 121 9.83 -7.19 -39.47
N PHE C 122 9.69 -5.88 -39.46
CA PHE C 122 10.74 -4.96 -39.03
C PHE C 122 10.31 -4.18 -37.80
N GLN C 123 10.73 -4.67 -36.64
CA GLN C 123 10.21 -4.17 -35.37
C GLN C 123 10.96 -2.91 -34.91
N PRO C 124 10.24 -1.97 -34.27
CA PRO C 124 8.82 -2.04 -33.92
C PRO C 124 7.88 -1.68 -35.08
N SER C 125 6.90 -2.55 -35.31
CA SER C 125 5.79 -2.26 -36.23
C SER C 125 4.47 -2.71 -35.61
N TYR C 126 3.45 -2.86 -36.45
CA TYR C 126 2.11 -3.15 -35.98
C TYR C 126 2.09 -4.46 -35.22
N SER C 127 1.60 -4.40 -33.98
CA SER C 127 1.65 -5.52 -33.06
C SER C 127 0.83 -6.72 -33.53
N MET C 128 -0.16 -6.50 -34.39
CA MET C 128 -0.99 -7.62 -34.85
C MET C 128 -0.30 -8.49 -35.90
N HIS C 129 0.74 -7.99 -36.55
CA HIS C 129 1.44 -8.77 -37.58
C HIS C 129 1.97 -10.07 -36.97
N PRO C 130 2.81 -9.98 -35.92
CA PRO C 130 3.25 -11.20 -35.25
C PRO C 130 2.16 -12.03 -34.57
N ILE C 131 1.12 -11.37 -34.04
CA ILE C 131 0.01 -12.09 -33.41
C ILE C 131 -0.79 -12.87 -34.46
N LEU C 132 -1.03 -12.24 -35.60
CA LEU C 132 -1.73 -12.92 -36.69
C LEU C 132 -0.88 -14.05 -37.24
N ALA C 133 0.43 -13.84 -37.34
CA ALA C 133 1.35 -14.92 -37.75
C ALA C 133 1.19 -16.13 -36.83
N LYS C 134 1.31 -15.91 -35.53
CA LYS C 134 1.16 -17.00 -34.59
C LYS C 134 -0.20 -17.69 -34.72
N GLY C 135 -1.27 -16.90 -34.78
CA GLY C 135 -2.61 -17.44 -34.93
C GLY C 135 -2.77 -18.29 -36.18
N THR C 136 -2.03 -17.95 -37.23
CA THR C 136 -2.07 -18.72 -38.47
C THR C 136 -0.98 -19.82 -38.51
N HIS C 137 -0.28 -20.00 -37.39
CA HIS C 137 0.85 -20.95 -37.26
C HIS C 137 1.97 -20.63 -38.25
N THR C 138 2.15 -19.35 -38.50
CA THR C 138 3.24 -18.85 -39.31
C THR C 138 4.29 -18.36 -38.32
N GLU C 139 5.53 -18.81 -38.46
CA GLU C 139 6.60 -18.38 -37.56
C GLU C 139 7.00 -16.95 -37.90
N PHE C 140 7.10 -16.11 -36.89
CA PHE C 140 7.49 -14.72 -37.11
C PHE C 140 8.98 -14.49 -36.90
N ILE C 141 9.59 -13.78 -37.85
CA ILE C 141 11.00 -13.39 -37.78
C ILE C 141 11.10 -11.87 -37.62
N ALA C 142 11.49 -11.43 -36.44
CA ALA C 142 11.70 -10.00 -36.14
C ALA C 142 13.07 -9.53 -36.61
N VAL C 143 13.08 -8.49 -37.44
CA VAL C 143 14.29 -7.81 -37.85
C VAL C 143 14.21 -6.41 -37.28
N SER C 144 15.29 -5.96 -36.64
CA SER C 144 15.27 -4.67 -35.97
C SER C 144 15.36 -3.51 -36.93
N ARG C 145 14.56 -2.48 -36.65
CA ARG C 145 14.73 -1.20 -37.29
C ARG C 145 15.94 -0.50 -36.66
N GLY C 146 16.42 0.56 -37.29
CA GLY C 146 17.57 1.30 -36.79
C GLY C 146 17.28 2.16 -35.56
N ALA C 147 18.32 2.76 -35.02
CA ALA C 147 18.21 3.69 -33.88
C ALA C 147 17.24 4.83 -34.15
N ASP C 148 17.15 5.25 -35.41
CA ASP C 148 16.20 6.28 -35.80
C ASP C 148 14.78 5.73 -36.05
N PHE C 149 14.55 4.48 -35.67
CA PHE C 149 13.28 3.77 -35.85
C PHE C 149 12.84 3.56 -37.30
N ARG C 150 13.71 3.85 -38.27
CA ARG C 150 13.42 3.56 -39.67
C ARG C 150 14.03 2.21 -40.00
N ILE C 151 13.60 1.60 -41.10
CA ILE C 151 14.14 0.30 -41.49
C ILE C 151 15.62 0.48 -41.83
N ASP C 152 16.46 -0.34 -41.21
CA ASP C 152 17.88 -0.40 -41.59
C ASP C 152 17.98 -1.38 -42.76
N MET C 153 18.14 -0.83 -43.96
CA MET C 153 18.05 -1.62 -45.20
C MET C 153 19.09 -2.72 -45.34
N ASP C 154 20.34 -2.40 -45.00
CA ASP C 154 21.42 -3.36 -45.11
C ASP C 154 21.06 -4.64 -44.36
N VAL C 155 20.65 -4.48 -43.10
CA VAL C 155 20.24 -5.63 -42.27
C VAL C 155 18.94 -6.24 -42.78
N ALA C 156 18.06 -5.42 -43.33
CA ALA C 156 16.81 -5.90 -43.94
C ALA C 156 17.12 -6.91 -45.04
N LEU C 157 17.87 -6.46 -46.03
CA LEU C 157 18.19 -7.27 -47.21
C LEU C 157 19.00 -8.50 -46.87
N GLU C 158 19.92 -8.38 -45.92
CA GLU C 158 20.73 -9.52 -45.51
C GLU C 158 19.88 -10.56 -44.80
N GLU C 159 18.92 -10.10 -44.00
CA GLU C 159 18.07 -11.02 -43.25
C GLU C 159 17.06 -11.68 -44.18
N ILE C 160 16.54 -10.93 -45.14
CA ILE C 160 15.63 -11.50 -46.13
C ILE C 160 16.39 -12.56 -46.96
N ARG C 161 17.57 -12.17 -47.46
CA ARG C 161 18.46 -13.09 -48.19
C ARG C 161 18.77 -14.32 -47.37
N ALA C 162 19.29 -14.09 -46.16
CA ALA C 162 19.65 -15.21 -45.29
C ALA C 162 18.49 -16.15 -45.02
N LYS C 163 17.31 -15.59 -44.74
CA LYS C 163 16.20 -16.38 -44.19
C LYS C 163 15.15 -16.82 -45.20
N GLN C 164 15.09 -16.15 -46.35
CA GLN C 164 14.17 -16.50 -47.44
C GLN C 164 12.74 -16.72 -46.92
N PRO C 165 12.15 -15.67 -46.34
CA PRO C 165 10.88 -15.81 -45.63
C PRO C 165 9.74 -15.88 -46.62
N ASP C 166 8.71 -16.63 -46.27
CA ASP C 166 7.56 -16.82 -47.17
C ASP C 166 6.77 -15.51 -47.31
N ILE C 167 6.71 -14.73 -46.23
CA ILE C 167 6.05 -13.42 -46.24
C ILE C 167 6.97 -12.35 -45.62
N VAL C 168 6.97 -11.16 -46.21
CA VAL C 168 7.59 -9.98 -45.62
C VAL C 168 6.58 -8.85 -45.42
N PHE C 169 6.47 -8.37 -44.19
CA PHE C 169 5.62 -7.21 -43.88
C PHE C 169 6.43 -5.93 -43.96
N VAL C 170 5.92 -4.95 -44.71
CA VAL C 170 6.41 -3.58 -44.66
C VAL C 170 5.24 -2.64 -44.40
N THR C 171 5.21 -2.03 -43.21
CA THR C 171 4.16 -1.06 -42.85
C THR C 171 4.64 0.36 -43.11
N THR C 172 3.91 1.09 -43.95
CA THR C 172 4.31 2.44 -44.33
C THR C 172 3.10 3.33 -44.66
N PRO C 173 2.92 4.45 -43.93
CA PRO C 173 3.67 4.88 -42.76
C PRO C 173 3.62 3.84 -41.66
N ASN C 174 4.70 3.73 -40.89
CA ASN C 174 4.79 2.71 -39.87
C ASN C 174 3.96 3.06 -38.64
N ASN C 175 3.39 2.02 -38.07
CA ASN C 175 2.78 2.06 -36.75
C ASN C 175 3.70 1.25 -35.86
N PRO C 176 4.23 1.84 -34.78
CA PRO C 176 3.96 3.11 -34.12
C PRO C 176 4.83 4.31 -34.40
N THR C 177 5.85 4.19 -35.24
CA THR C 177 6.89 5.23 -35.34
C THR C 177 6.55 6.38 -36.26
N GLY C 178 5.77 6.13 -37.32
CA GLY C 178 5.20 7.16 -38.17
C GLY C 178 5.94 7.39 -39.49
N ASP C 179 7.08 6.71 -39.66
CA ASP C 179 7.95 6.91 -40.82
C ASP C 179 7.48 6.14 -42.05
N VAL C 180 7.81 6.69 -43.20
CA VAL C 180 7.49 6.08 -44.48
C VAL C 180 8.76 5.40 -45.00
N THR C 181 8.62 4.18 -45.50
CA THR C 181 9.72 3.47 -46.13
C THR C 181 9.55 3.78 -47.61
N SER C 182 10.62 4.29 -48.25
CA SER C 182 10.53 4.70 -49.65
C SER C 182 10.15 3.52 -50.52
N LEU C 183 9.51 3.78 -51.64
CA LEU C 183 9.20 2.72 -52.62
C LEU C 183 10.48 2.08 -53.18
N ASP C 184 11.51 2.90 -53.40
CA ASP C 184 12.83 2.41 -53.78
C ASP C 184 13.30 1.37 -52.78
N ASP C 185 13.16 1.66 -51.48
CA ASP C 185 13.47 0.67 -50.46
C ASP C 185 12.48 -0.52 -50.48
N VAL C 186 11.21 -0.26 -50.79
CA VAL C 186 10.23 -1.36 -50.87
C VAL C 186 10.60 -2.30 -52.04
N GLU C 187 10.89 -1.70 -53.18
CA GLU C 187 11.41 -2.44 -54.36
C GLU C 187 12.62 -3.30 -54.03
N ARG C 188 13.59 -2.73 -53.32
CA ARG C 188 14.76 -3.48 -52.91
C ARG C 188 14.34 -4.69 -52.10
N ILE C 189 13.32 -4.50 -51.25
CA ILE C 189 12.86 -5.56 -50.38
C ILE C 189 12.12 -6.65 -51.17
N ILE C 190 11.33 -6.25 -52.16
CA ILE C 190 10.52 -7.22 -52.92
C ILE C 190 11.44 -8.17 -53.71
N ASN C 191 12.41 -7.58 -54.40
CA ASN C 191 13.38 -8.32 -55.23
C ASN C 191 14.12 -9.45 -54.49
N VAL C 192 14.41 -9.27 -53.21
CA VAL C 192 15.05 -10.31 -52.40
C VAL C 192 14.09 -11.33 -51.75
N ALA C 193 12.82 -10.95 -51.58
CA ALA C 193 11.85 -11.86 -50.97
C ALA C 193 11.44 -12.91 -52.01
N PRO C 194 11.48 -14.20 -51.64
CA PRO C 194 11.07 -15.31 -52.51
C PRO C 194 9.56 -15.57 -52.57
N GLY C 195 8.85 -15.35 -51.46
CA GLY C 195 7.41 -15.57 -51.38
C GLY C 195 6.64 -14.33 -51.78
N ILE C 196 5.91 -13.74 -50.82
CA ILE C 196 5.16 -12.51 -51.10
C ILE C 196 5.57 -11.38 -50.15
N VAL C 197 5.31 -10.15 -50.57
CA VAL C 197 5.49 -8.97 -49.73
C VAL C 197 4.15 -8.23 -49.52
N ILE C 198 3.74 -8.08 -48.25
CA ILE C 198 2.53 -7.34 -47.89
C ILE C 198 2.93 -5.95 -47.40
N VAL C 199 2.59 -4.91 -48.18
CA VAL C 199 2.83 -3.53 -47.79
C VAL C 199 1.58 -3.08 -47.08
N ASP C 200 1.67 -2.87 -45.77
CA ASP C 200 0.51 -2.44 -44.97
C ASP C 200 0.42 -0.92 -45.01
N GLU C 201 -0.51 -0.44 -45.83
CA GLU C 201 -0.71 0.99 -46.06
C GLU C 201 -1.94 1.51 -45.29
N ALA C 202 -2.12 1.01 -44.07
CA ALA C 202 -3.21 1.49 -43.20
C ALA C 202 -3.30 3.01 -43.09
N TYR C 203 -2.15 3.69 -43.02
CA TYR C 203 -2.10 5.16 -42.82
C TYR C 203 -1.70 5.95 -44.07
N ALA C 204 -1.72 5.28 -45.23
CA ALA C 204 -1.30 5.87 -46.53
C ALA C 204 -1.91 7.24 -46.84
N GLU C 205 -3.21 7.38 -46.57
CA GLU C 205 -3.93 8.63 -46.80
C GLU C 205 -3.34 9.84 -46.07
N PHE C 206 -2.61 9.60 -44.98
CA PHE C 206 -2.05 10.69 -44.18
C PHE C 206 -0.72 11.20 -44.71
N SER C 207 -0.12 10.49 -45.67
CA SER C 207 1.18 10.83 -46.26
C SER C 207 1.02 11.12 -47.76
N PRO C 208 1.68 12.18 -48.25
CA PRO C 208 1.68 12.47 -49.70
C PRO C 208 2.56 11.57 -50.58
N SER C 209 3.35 10.70 -49.97
CA SER C 209 4.18 9.77 -50.72
C SER C 209 3.32 8.84 -51.57
N PRO C 210 3.84 8.37 -52.71
CA PRO C 210 3.06 7.47 -53.56
C PRO C 210 2.83 6.09 -52.96
N SER C 211 1.71 5.46 -53.32
CA SER C 211 1.33 4.14 -52.82
C SER C 211 2.15 3.03 -53.47
N ALA C 212 2.36 1.95 -52.73
CA ALA C 212 2.98 0.74 -53.25
C ALA C 212 2.13 0.07 -54.35
N THR C 213 0.93 0.59 -54.59
CA THR C 213 0.12 0.07 -55.69
C THR C 213 0.76 0.46 -57.03
N THR C 214 1.59 1.51 -57.02
CA THR C 214 2.33 1.89 -58.24
C THR C 214 3.32 0.82 -58.65
N LEU C 215 3.66 -0.06 -57.73
CA LEU C 215 4.55 -1.17 -58.00
C LEU C 215 3.85 -2.46 -58.39
N LEU C 216 2.51 -2.47 -58.38
CA LEU C 216 1.78 -3.73 -58.58
C LEU C 216 2.01 -4.36 -59.98
N GLU C 217 1.99 -3.52 -61.01
CA GLU C 217 2.28 -3.96 -62.39
C GLU C 217 3.62 -4.69 -62.52
N LYS C 218 4.61 -4.23 -61.78
CA LYS C 218 5.99 -4.70 -61.91
C LYS C 218 6.24 -6.00 -61.14
N TYR C 219 5.51 -6.20 -60.03
CA TYR C 219 5.72 -7.38 -59.17
C TYR C 219 4.43 -8.19 -58.88
N PRO C 220 3.76 -8.65 -59.94
CA PRO C 220 2.43 -9.23 -59.81
C PRO C 220 2.37 -10.54 -59.00
N THR C 221 3.46 -11.29 -58.95
CA THR C 221 3.47 -12.56 -58.22
C THR C 221 3.94 -12.39 -56.77
N LYS C 222 4.29 -11.17 -56.39
CA LYS C 222 4.90 -10.91 -55.07
C LYS C 222 4.12 -9.94 -54.19
N LEU C 223 3.66 -8.84 -54.75
CA LEU C 223 3.19 -7.71 -53.95
C LEU C 223 1.67 -7.72 -53.70
N VAL C 224 1.30 -7.56 -52.43
CA VAL C 224 -0.09 -7.28 -52.03
C VAL C 224 -0.07 -5.98 -51.23
N VAL C 225 -0.98 -5.06 -51.51
CA VAL C 225 -1.08 -3.82 -50.74
C VAL C 225 -2.35 -3.80 -49.87
N SER C 226 -2.14 -3.80 -48.56
CA SER C 226 -3.24 -3.79 -47.58
C SER C 226 -3.67 -2.37 -47.25
N ARG C 227 -4.98 -2.13 -47.19
CA ARG C 227 -5.52 -0.82 -46.86
C ARG C 227 -6.68 -0.98 -45.88
N THR C 228 -7.14 0.11 -45.30
CA THR C 228 -8.29 0.06 -44.37
C THR C 228 -9.17 1.29 -44.47
N MET C 229 -10.42 1.13 -44.06
CA MET C 229 -11.31 2.27 -43.89
C MET C 229 -11.39 2.76 -42.43
N SER C 230 -10.54 2.26 -41.54
CA SER C 230 -10.66 2.54 -40.10
C SER C 230 -9.97 3.81 -39.62
N LYS C 231 -9.03 4.33 -40.39
CA LYS C 231 -8.16 5.41 -39.94
C LYS C 231 -8.58 6.70 -40.63
N ALA C 232 -7.92 7.12 -41.70
CA ALA C 232 -8.32 8.35 -42.41
C ALA C 232 -9.77 8.31 -42.84
N PHE C 233 -10.22 7.13 -43.26
CA PHE C 233 -11.54 6.96 -43.83
C PHE C 233 -12.66 7.01 -42.78
N ASP C 234 -12.31 7.22 -41.52
CA ASP C 234 -13.28 7.69 -40.54
C ASP C 234 -14.40 6.66 -40.32
N PHE C 235 -14.05 5.37 -40.38
CA PHE C 235 -15.06 4.32 -40.42
C PHE C 235 -14.64 3.02 -39.71
N ALA C 236 -13.92 3.15 -38.59
CA ALA C 236 -13.41 2.01 -37.83
C ALA C 236 -14.54 1.10 -37.40
N GLY C 237 -15.67 1.69 -37.02
CA GLY C 237 -16.85 0.93 -36.62
C GLY C 237 -17.44 0.04 -37.68
N GLY C 238 -17.18 0.35 -38.95
CA GLY C 238 -17.67 -0.46 -40.06
C GLY C 238 -16.82 -1.69 -40.36
N ARG C 239 -15.66 -1.79 -39.71
CA ARG C 239 -14.74 -2.92 -39.87
C ARG C 239 -14.60 -3.35 -41.33
N LEU C 240 -13.91 -2.52 -42.10
CA LEU C 240 -13.72 -2.77 -43.52
C LEU C 240 -12.27 -2.53 -43.94
N GLY C 241 -11.58 -3.64 -44.17
CA GLY C 241 -10.21 -3.62 -44.69
C GLY C 241 -10.23 -4.20 -46.08
N TYR C 242 -9.19 -3.92 -46.84
CA TYR C 242 -9.14 -4.43 -48.19
C TYR C 242 -7.71 -4.53 -48.67
N PHE C 243 -7.51 -5.25 -49.75
CA PHE C 243 -6.21 -5.25 -50.39
C PHE C 243 -6.34 -5.02 -51.88
N VAL C 244 -5.23 -4.61 -52.48
CA VAL C 244 -5.14 -4.35 -53.91
C VAL C 244 -3.97 -5.21 -54.41
N ALA C 245 -4.25 -6.05 -55.40
CA ALA C 245 -3.22 -6.95 -55.92
C ALA C 245 -3.60 -7.44 -57.30
N ASN C 246 -2.75 -8.28 -57.87
CA ASN C 246 -3.10 -9.04 -59.05
C ASN C 246 -4.30 -9.97 -58.79
N PRO C 247 -5.23 -10.13 -59.77
CA PRO C 247 -6.41 -10.99 -59.65
C PRO C 247 -6.17 -12.40 -59.12
N ALA C 248 -4.99 -12.96 -59.36
CA ALA C 248 -4.64 -14.27 -58.84
C ALA C 248 -4.70 -14.34 -57.32
N PHE C 249 -4.41 -13.22 -56.65
CA PHE C 249 -4.50 -13.13 -55.19
C PHE C 249 -5.95 -13.21 -54.67
N ILE C 250 -6.90 -12.73 -55.46
CA ILE C 250 -8.32 -12.90 -55.11
C ILE C 250 -8.66 -14.38 -55.16
N ASP C 251 -8.20 -15.08 -56.21
CA ASP C 251 -8.41 -16.53 -56.29
C ASP C 251 -7.81 -17.24 -55.08
N ALA C 252 -6.62 -16.79 -54.66
CA ALA C 252 -5.97 -17.39 -53.53
C ALA C 252 -6.86 -17.26 -52.29
N VAL C 253 -7.30 -16.04 -51.98
CA VAL C 253 -8.01 -15.82 -50.72
C VAL C 253 -9.42 -16.39 -50.71
N MET C 254 -10.01 -16.55 -51.89
CA MET C 254 -11.31 -17.19 -51.97
C MET C 254 -11.30 -18.65 -51.51
N LEU C 255 -10.11 -19.27 -51.49
CA LEU C 255 -9.98 -20.63 -50.99
C LEU C 255 -9.88 -20.69 -49.48
N VAL C 256 -9.58 -19.56 -48.83
CA VAL C 256 -9.46 -19.54 -47.36
C VAL C 256 -10.50 -18.69 -46.62
N ARG C 257 -11.10 -17.72 -47.31
CA ARG C 257 -12.12 -16.87 -46.70
C ARG C 257 -13.30 -17.68 -46.26
N LEU C 258 -13.89 -17.30 -45.12
CA LEU C 258 -15.12 -17.90 -44.67
C LEU C 258 -16.20 -17.44 -45.63
N PRO C 259 -17.05 -18.39 -46.11
CA PRO C 259 -18.08 -18.01 -47.08
C PRO C 259 -19.06 -17.02 -46.44
N TYR C 260 -19.39 -15.97 -47.18
CA TYR C 260 -20.28 -14.90 -46.70
C TYR C 260 -19.70 -14.17 -45.48
N HIS C 261 -18.38 -14.00 -45.47
CA HIS C 261 -17.71 -13.37 -44.33
C HIS C 261 -18.10 -11.89 -44.13
N LEU C 262 -18.60 -11.24 -45.18
CA LEU C 262 -18.90 -9.82 -45.12
C LEU C 262 -20.42 -9.65 -45.16
N SER C 263 -20.99 -9.10 -44.09
CA SER C 263 -22.42 -8.97 -43.99
C SER C 263 -22.98 -7.95 -44.98
N ALA C 264 -24.29 -8.03 -45.16
CA ALA C 264 -25.00 -7.15 -46.08
C ALA C 264 -24.89 -5.69 -45.63
N LEU C 265 -25.00 -5.43 -44.33
CA LEU C 265 -24.87 -4.06 -43.83
C LEU C 265 -23.44 -3.57 -43.89
N SER C 266 -22.46 -4.44 -43.66
CA SER C 266 -21.05 -4.02 -43.77
C SER C 266 -20.76 -3.57 -45.21
N GLN C 267 -21.23 -4.35 -46.17
CA GLN C 267 -21.01 -4.01 -47.60
C GLN C 267 -21.75 -2.74 -47.97
N ALA C 268 -23.02 -2.66 -47.60
CA ALA C 268 -23.82 -1.48 -47.89
C ALA C 268 -23.25 -0.25 -47.24
N ALA C 269 -22.90 -0.34 -45.95
CA ALA C 269 -22.39 0.82 -45.22
C ALA C 269 -21.05 1.31 -45.81
N ALA C 270 -20.20 0.37 -46.19
CA ALA C 270 -18.91 0.69 -46.78
C ALA C 270 -19.09 1.37 -48.14
N ILE C 271 -20.00 0.86 -48.95
CA ILE C 271 -20.40 1.52 -50.22
C ILE C 271 -20.85 2.97 -49.99
N VAL C 272 -21.71 3.18 -48.99
CA VAL C 272 -22.15 4.51 -48.65
C VAL C 272 -20.97 5.42 -48.27
N ALA C 273 -20.06 4.93 -47.43
CA ALA C 273 -18.90 5.71 -47.03
C ALA C 273 -18.01 6.06 -48.24
N LEU C 274 -17.82 5.10 -49.15
CA LEU C 274 -16.98 5.33 -50.33
C LEU C 274 -17.51 6.43 -51.24
N ARG C 275 -18.83 6.59 -51.31
CA ARG C 275 -19.42 7.64 -52.17
C ARG C 275 -19.35 9.01 -51.51
N HIS C 276 -18.96 9.08 -50.23
CA HIS C 276 -18.74 10.35 -49.54
C HIS C 276 -17.26 10.61 -49.23
N SER C 277 -16.38 9.91 -49.93
CA SER C 277 -14.96 9.88 -49.57
C SER C 277 -14.23 11.22 -49.69
N ALA C 278 -14.54 11.98 -50.74
CA ALA C 278 -13.90 13.28 -50.92
C ALA C 278 -14.16 14.17 -49.71
N ASP C 279 -15.41 14.26 -49.29
CA ASP C 279 -15.77 15.10 -48.15
C ASP C 279 -15.15 14.59 -46.85
N THR C 280 -15.28 13.29 -46.60
CA THR C 280 -14.74 12.67 -45.39
C THR C 280 -13.24 12.86 -45.29
N LEU C 281 -12.53 12.57 -46.37
CA LEU C 281 -11.06 12.59 -46.34
C LEU C 281 -10.45 14.00 -46.25
N GLY C 282 -11.29 15.01 -46.39
CA GLY C 282 -10.89 16.39 -46.14
C GLY C 282 -10.34 16.57 -44.74
N THR C 283 -10.82 15.74 -43.81
CA THR C 283 -10.37 15.79 -42.41
C THR C 283 -8.88 15.54 -42.28
N VAL C 284 -8.30 14.83 -43.24
CA VAL C 284 -6.87 14.56 -43.23
C VAL C 284 -6.05 15.85 -43.20
N GLU C 285 -6.56 16.91 -43.82
CA GLU C 285 -5.85 18.19 -43.84
C GLU C 285 -5.68 18.79 -42.45
N LYS C 286 -6.77 18.81 -41.69
CA LYS C 286 -6.74 19.38 -40.34
C LYS C 286 -5.95 18.47 -39.40
N LEU C 287 -6.11 17.15 -39.56
CA LEU C 287 -5.38 16.18 -38.73
C LEU C 287 -3.89 16.31 -38.95
N SER C 288 -3.47 16.52 -40.20
CA SER C 288 -2.05 16.58 -40.51
C SER C 288 -1.39 17.83 -39.96
N VAL C 289 -2.08 18.97 -39.99
CA VAL C 289 -1.52 20.18 -39.43
C VAL C 289 -1.50 20.12 -37.91
N GLU C 290 -2.54 19.50 -37.34
CA GLU C 290 -2.55 19.25 -35.91
C GLU C 290 -1.42 18.34 -35.47
N ARG C 291 -1.10 17.34 -36.29
CA ARG C 291 0.04 16.49 -36.01
C ARG C 291 1.34 17.29 -35.90
N VAL C 292 1.53 18.21 -36.85
CA VAL C 292 2.72 19.06 -36.81
C VAL C 292 2.75 19.90 -35.56
N ARG C 293 1.60 20.45 -35.18
CA ARG C 293 1.50 21.32 -34.00
C ARG C 293 1.83 20.53 -32.72
N VAL C 294 1.27 19.32 -32.62
CA VAL C 294 1.49 18.47 -31.46
C VAL C 294 2.95 18.06 -31.33
N ALA C 295 3.51 17.58 -32.42
CA ALA C 295 4.91 17.17 -32.46
C ALA C 295 5.83 18.33 -32.10
N ALA C 296 5.51 19.52 -32.61
CA ALA C 296 6.32 20.71 -32.31
C ALA C 296 6.27 21.08 -30.82
N ARG C 297 5.08 21.04 -30.22
CA ARG C 297 4.94 21.34 -28.80
C ARG C 297 5.67 20.32 -27.93
N LEU C 298 5.50 19.04 -28.23
CA LEU C 298 6.24 18.01 -27.51
C LEU C 298 7.75 18.29 -27.54
N GLU C 299 8.31 18.63 -28.72
CA GLU C 299 9.75 18.90 -28.81
C GLU C 299 10.13 20.13 -27.98
N GLU C 300 9.33 21.18 -28.06
CA GLU C 300 9.55 22.42 -27.31
C GLU C 300 9.56 22.13 -25.80
N LEU C 301 8.65 21.26 -25.36
CA LEU C 301 8.56 20.83 -23.96
C LEU C 301 9.80 20.06 -23.50
N GLY C 302 10.47 19.40 -24.43
CA GLY C 302 11.69 18.64 -24.13
C GLY C 302 11.64 17.16 -24.43
N TYR C 303 10.55 16.68 -25.02
CA TYR C 303 10.45 15.27 -25.40
C TYR C 303 11.24 14.97 -26.67
N ALA C 304 11.65 13.71 -26.81
CA ALA C 304 12.23 13.18 -28.04
C ALA C 304 11.08 12.68 -28.91
N VAL C 305 10.90 13.26 -30.09
CA VAL C 305 9.78 12.92 -30.99
C VAL C 305 10.30 12.37 -32.30
N VAL C 306 9.75 11.23 -32.71
CA VAL C 306 10.10 10.65 -33.99
C VAL C 306 9.26 11.35 -35.06
N PRO C 307 9.89 11.89 -36.12
CA PRO C 307 9.12 12.52 -37.19
C PRO C 307 8.11 11.57 -37.79
N SER C 308 6.87 12.03 -37.97
CA SER C 308 5.75 11.18 -38.41
C SER C 308 5.06 11.75 -39.63
N GLU C 309 4.54 10.88 -40.49
CA GLU C 309 3.65 11.27 -41.59
C GLU C 309 2.32 10.52 -41.49
N SER C 310 1.82 10.36 -40.27
CA SER C 310 0.59 9.62 -40.00
C SER C 310 -0.29 10.48 -39.12
N ASN C 311 -1.31 9.89 -38.48
CA ASN C 311 -2.16 10.62 -37.55
C ASN C 311 -1.81 10.29 -36.10
N PHE C 312 -0.53 10.02 -35.86
CA PHE C 312 -0.03 9.78 -34.49
C PHE C 312 1.43 10.20 -34.36
N VAL C 313 1.85 10.38 -33.11
CA VAL C 313 3.20 10.75 -32.78
C VAL C 313 3.74 9.79 -31.74
N PHE C 314 4.91 9.25 -32.03
CA PHE C 314 5.67 8.37 -31.15
C PHE C 314 6.71 9.23 -30.44
N PHE C 315 6.70 9.24 -29.10
CA PHE C 315 7.56 10.13 -28.34
C PHE C 315 8.08 9.50 -27.06
N GLY C 316 9.14 10.08 -26.50
CA GLY C 316 9.79 9.54 -25.31
C GLY C 316 10.63 10.64 -24.70
N ASP C 317 11.59 10.33 -23.83
CA ASP C 317 12.03 8.98 -23.47
C ASP C 317 11.87 8.81 -21.98
N PHE C 318 10.91 8.00 -21.57
CA PHE C 318 10.59 7.79 -20.16
C PHE C 318 11.43 6.66 -19.59
N SER C 319 11.78 6.74 -18.31
CA SER C 319 12.42 5.59 -17.67
C SER C 319 11.42 4.44 -17.53
N ASP C 320 10.16 4.76 -17.26
CA ASP C 320 9.10 3.76 -17.20
C ASP C 320 7.89 4.29 -17.97
N GLN C 321 7.73 3.84 -19.23
CA GLN C 321 6.65 4.37 -20.09
C GLN C 321 5.28 4.01 -19.56
N HIS C 322 5.13 2.86 -18.90
CA HIS C 322 3.82 2.51 -18.38
C HIS C 322 3.41 3.43 -17.24
N ALA C 323 4.38 3.85 -16.44
CA ALA C 323 4.17 4.88 -15.42
C ALA C 323 3.68 6.16 -16.09
N ALA C 324 4.35 6.58 -17.17
CA ALA C 324 3.95 7.80 -17.89
C ALA C 324 2.54 7.66 -18.45
N TRP C 325 2.24 6.47 -18.99
CA TRP C 325 0.92 6.16 -19.56
C TRP C 325 -0.15 6.34 -18.50
N GLN C 326 0.13 5.84 -17.29
CA GLN C 326 -0.81 5.96 -16.19
C GLN C 326 -0.93 7.41 -15.76
N ALA C 327 0.18 8.16 -15.80
CA ALA C 327 0.15 9.58 -15.48
C ALA C 327 -0.75 10.38 -16.46
N PHE C 328 -0.73 10.02 -17.75
CA PHE C 328 -1.63 10.64 -18.73
C PHE C 328 -3.07 10.26 -18.40
N LEU C 329 -3.28 8.98 -18.10
CA LEU C 329 -4.60 8.44 -17.84
C LEU C 329 -5.22 9.07 -16.60
N ASP C 330 -4.39 9.30 -15.58
CA ASP C 330 -4.84 9.95 -14.35
C ASP C 330 -5.30 11.39 -14.63
N ARG C 331 -4.80 11.97 -15.72
CA ARG C 331 -5.23 13.30 -16.16
C ARG C 331 -6.37 13.26 -17.18
N GLY C 332 -6.94 12.09 -17.42
CA GLY C 332 -8.09 11.97 -18.29
C GLY C 332 -7.74 11.73 -19.76
N VAL C 333 -6.49 11.40 -20.03
CA VAL C 333 -5.96 11.21 -21.38
C VAL C 333 -5.47 9.79 -21.62
N LEU C 334 -6.13 9.07 -22.51
CA LEU C 334 -5.79 7.68 -22.86
C LEU C 334 -5.02 7.66 -24.18
N ILE C 335 -3.71 7.40 -24.09
CA ILE C 335 -2.87 7.18 -25.27
C ILE C 335 -2.48 5.70 -25.27
N ARG C 336 -1.55 5.28 -26.13
CA ARG C 336 -1.25 3.88 -26.33
C ARG C 336 0.14 3.55 -25.84
N ASP C 337 0.22 2.61 -24.93
CA ASP C 337 1.48 1.97 -24.57
C ASP C 337 1.67 0.80 -25.52
N VAL C 338 2.57 0.95 -26.48
CA VAL C 338 2.77 -0.04 -27.54
C VAL C 338 3.87 -1.05 -27.17
N GLY C 339 4.22 -1.12 -25.89
CA GLY C 339 5.18 -2.08 -25.39
C GLY C 339 6.63 -1.80 -25.76
N ILE C 340 6.96 -0.54 -26.06
CA ILE C 340 8.29 -0.15 -26.45
C ILE C 340 8.88 0.71 -25.35
N ALA C 341 10.00 0.25 -24.80
CA ALA C 341 10.67 0.92 -23.70
C ALA C 341 10.88 2.40 -23.97
N GLY C 342 10.59 3.22 -22.97
CA GLY C 342 10.76 4.65 -23.05
C GLY C 342 9.78 5.48 -23.88
N HIS C 343 8.90 4.85 -24.65
CA HIS C 343 8.06 5.58 -25.61
C HIS C 343 6.55 5.30 -25.45
N LEU C 344 5.74 6.26 -25.87
CA LEU C 344 4.29 6.07 -26.01
C LEU C 344 3.85 6.63 -27.35
N ARG C 345 2.64 6.26 -27.79
CA ARG C 345 2.08 6.71 -29.06
C ARG C 345 0.73 7.41 -28.82
N THR C 346 0.67 8.68 -29.21
CA THR C 346 -0.56 9.47 -29.10
C THR C 346 -1.19 9.66 -30.47
N THR C 347 -2.49 9.41 -30.55
CA THR C 347 -3.25 9.69 -31.76
C THR C 347 -3.59 11.17 -31.82
N ILE C 348 -3.63 11.74 -33.02
CA ILE C 348 -4.06 13.12 -33.17
C ILE C 348 -5.59 13.21 -33.18
N GLY C 349 -6.15 14.05 -32.32
CA GLY C 349 -7.59 14.22 -32.21
C GLY C 349 -8.03 15.57 -32.73
N VAL C 350 -9.16 16.04 -32.22
CA VAL C 350 -9.62 17.40 -32.51
C VAL C 350 -8.74 18.32 -31.67
N PRO C 351 -8.66 19.61 -32.04
CA PRO C 351 -7.76 20.54 -31.34
C PRO C 351 -7.91 20.55 -29.83
N GLU C 352 -9.15 20.55 -29.36
CA GLU C 352 -9.48 20.50 -27.95
C GLU C 352 -8.83 19.30 -27.27
N GLU C 353 -8.87 18.15 -27.94
CA GLU C 353 -8.26 16.93 -27.41
C GLU C 353 -6.74 17.02 -27.43
N ASN C 354 -6.18 17.59 -28.48
CA ASN C 354 -4.74 17.73 -28.59
C ASN C 354 -4.21 18.68 -27.51
N ASP C 355 -4.97 19.72 -27.20
CA ASP C 355 -4.53 20.65 -26.16
C ASP C 355 -4.57 19.97 -24.79
N ALA C 356 -5.58 19.11 -24.56
CA ALA C 356 -5.67 18.36 -23.31
C ALA C 356 -4.46 17.44 -23.17
N PHE C 357 -4.13 16.76 -24.26
CA PHE C 357 -2.93 15.94 -24.31
C PHE C 357 -1.68 16.75 -24.01
N LEU C 358 -1.54 17.90 -24.66
CA LEU C 358 -0.34 18.72 -24.47
C LEU C 358 -0.23 19.37 -23.08
N ASP C 359 -1.36 19.77 -22.52
CA ASP C 359 -1.43 20.23 -21.14
C ASP C 359 -0.90 19.14 -20.22
N ALA C 360 -1.38 17.91 -20.42
CA ALA C 360 -0.93 16.78 -19.59
C ALA C 360 0.55 16.51 -19.83
N ALA C 361 0.98 16.54 -21.08
CA ALA C 361 2.38 16.30 -21.42
C ALA C 361 3.33 17.33 -20.77
N ALA C 362 2.89 18.58 -20.66
CA ALA C 362 3.67 19.62 -19.98
C ALA C 362 3.83 19.33 -18.49
N GLU C 363 2.78 18.83 -17.86
CA GLU C 363 2.88 18.44 -16.45
C GLU C 363 3.76 17.21 -16.29
N ILE C 364 3.56 16.21 -17.15
CA ILE C 364 4.21 14.92 -16.99
C ILE C 364 5.74 14.98 -17.19
N ILE C 365 6.23 15.85 -18.08
CA ILE C 365 7.67 15.92 -18.29
C ILE C 365 8.44 16.36 -17.03
N LYS C 366 7.80 17.15 -16.19
CA LYS C 366 8.39 17.60 -14.94
C LYS C 366 8.42 16.52 -13.86
N LEU C 367 7.64 15.45 -14.05
CA LEU C 367 7.62 14.31 -13.11
C LEU C 367 8.81 13.38 -13.24
N ASN C 368 9.57 13.52 -14.34
CA ASN C 368 10.74 12.68 -14.62
C ASN C 368 10.46 11.17 -14.48
N LEU C 369 9.48 10.69 -15.24
CA LEU C 369 9.03 9.30 -15.15
C LEU C 369 9.79 8.36 -16.07
#